data_2NA6
#
_entry.id   2NA6
#
_entity_poly.entity_id   1
_entity_poly.type   'polypeptide(L)'
_entity_poly.pdbx_seq_one_letter_code
;RNRLWLLTILVLLIPLVFIYRKYRKRKS
;
_entity_poly.pdbx_strand_id   A,B,C
#
# COMPACT_ATOMS: atom_id res chain seq x y z
N ARG A 1 4.89 24.68 -9.69
CA ARG A 1 4.07 24.50 -10.93
C ARG A 1 4.02 23.03 -11.31
N ASN A 2 4.37 22.16 -10.35
CA ASN A 2 4.35 20.69 -10.59
C ASN A 2 4.01 19.96 -9.30
N ARG A 3 2.81 19.40 -9.22
CA ARG A 3 2.36 18.67 -8.02
C ARG A 3 2.84 17.22 -8.03
N LEU A 4 3.80 16.91 -8.91
CA LEU A 4 4.33 15.52 -9.00
C LEU A 4 4.93 15.10 -7.66
N TRP A 5 5.63 16.03 -7.02
CA TRP A 5 6.26 15.76 -5.70
C TRP A 5 5.19 15.38 -4.67
N LEU A 6 4.07 16.07 -4.74
CA LEU A 6 2.94 15.81 -3.80
C LEU A 6 2.47 14.37 -3.91
N LEU A 7 2.40 13.85 -5.14
CA LEU A 7 1.92 12.46 -5.34
C LEU A 7 2.80 11.46 -4.59
N THR A 8 4.11 11.70 -4.62
CA THR A 8 5.09 10.83 -3.89
C THR A 8 4.79 10.84 -2.40
N ILE A 9 4.42 11.95 -1.88
CA ILE A 9 4.08 12.03 -0.43
C ILE A 9 2.90 11.06 -0.08
N LEU A 10 1.90 10.95 -0.97
CA LEU A 10 0.67 10.08 -0.75
C LEU A 10 0.99 8.61 -0.56
N VAL A 11 1.92 8.16 -1.34
CA VAL A 11 2.31 6.73 -1.37
C VAL A 11 2.79 6.18 -0.02
N LEU A 12 3.52 6.99 0.70
CA LEU A 12 4.04 6.62 2.04
C LEU A 12 2.82 6.27 2.90
N LEU A 13 1.73 7.00 2.73
CA LEU A 13 0.47 6.81 3.53
C LEU A 13 -0.20 5.40 3.45
N ILE A 14 -0.24 4.70 2.28
CA ILE A 14 -1.00 3.39 2.19
C ILE A 14 -0.61 2.24 3.18
N PRO A 15 0.51 2.23 3.92
CA PRO A 15 0.84 1.11 4.85
C PRO A 15 -0.24 0.89 5.91
N LEU A 16 -1.15 1.85 5.97
CA LEU A 16 -2.27 1.79 6.96
C LEU A 16 -3.10 0.53 6.74
N VAL A 17 -3.32 0.18 5.48
CA VAL A 17 -4.13 -1.04 5.15
C VAL A 17 -3.47 -2.28 5.75
N PHE A 18 -2.15 -2.33 5.67
CA PHE A 18 -1.39 -3.49 6.24
C PHE A 18 -1.67 -3.61 7.72
N ILE A 19 -1.72 -2.47 8.40
CA ILE A 19 -2.00 -2.44 9.87
C ILE A 19 -3.34 -3.10 10.18
N TYR A 20 -4.33 -2.82 9.34
CA TYR A 20 -5.70 -3.39 9.54
C TYR A 20 -5.64 -4.91 9.52
N ARG A 21 -4.83 -5.46 8.61
CA ARG A 21 -4.71 -6.94 8.49
C ARG A 21 -4.20 -7.54 9.79
N LYS A 22 -3.25 -6.85 10.43
CA LYS A 22 -2.69 -7.33 11.72
C LYS A 22 -3.78 -7.45 12.77
N TYR A 23 -4.68 -6.48 12.79
CA TYR A 23 -5.81 -6.48 13.78
C TYR A 23 -6.66 -7.74 13.61
N ARG A 24 -6.88 -8.13 12.35
CA ARG A 24 -7.70 -9.34 12.05
C ARG A 24 -9.03 -9.27 12.80
N LYS A 25 -9.50 -8.06 13.06
CA LYS A 25 -10.79 -7.87 13.78
C LYS A 25 -11.97 -8.22 12.89
N ARG A 26 -11.88 -9.37 12.22
CA ARG A 26 -12.98 -9.82 11.33
C ARG A 26 -13.55 -8.65 10.53
N LYS A 27 -14.86 -8.44 10.61
CA LYS A 27 -15.51 -7.32 9.88
C LYS A 27 -14.86 -5.99 10.25
N SER A 28 -15.02 -5.59 11.51
CA SER A 28 -14.43 -4.31 12.00
C SER A 28 -15.03 -3.93 13.34
N ARG B 1 19.66 14.44 8.52
CA ARG B 1 20.12 15.62 7.72
C ARG B 1 19.14 15.86 6.57
N ASN B 2 19.21 15.02 5.55
CA ASN B 2 18.31 15.15 4.37
C ASN B 2 18.26 13.85 3.59
N ARG B 3 17.20 13.08 3.79
CA ARG B 3 17.04 11.76 3.10
C ARG B 3 15.66 11.67 2.43
N LEU B 4 15.32 12.68 1.63
CA LEU B 4 14.00 12.69 0.94
C LEU B 4 13.86 11.48 0.02
N TRP B 5 14.95 11.12 -0.66
CA TRP B 5 14.94 9.95 -1.58
C TRP B 5 14.60 8.67 -0.81
N LEU B 6 15.15 8.56 0.39
CA LEU B 6 14.91 7.38 1.25
C LEU B 6 13.43 7.24 1.55
N LEU B 7 12.75 8.35 1.77
CA LEU B 7 11.30 8.31 2.11
C LEU B 7 10.49 7.66 0.99
N THR B 8 10.86 7.97 -0.26
CA THR B 8 10.18 7.40 -1.46
C THR B 8 10.30 5.85 -1.47
N ILE B 9 11.44 5.33 -1.05
CA ILE B 9 11.70 3.84 -1.02
C ILE B 9 10.64 3.15 -0.14
N LEU B 10 10.24 3.77 0.96
CA LEU B 10 9.20 3.19 1.89
C LEU B 10 7.91 2.97 1.13
N VAL B 11 7.65 3.90 0.28
CA VAL B 11 6.41 3.95 -0.52
C VAL B 11 6.24 2.69 -1.39
N LEU B 12 7.28 2.17 -1.96
CA LEU B 12 7.24 0.97 -2.84
C LEU B 12 6.62 -0.21 -2.07
N LEU B 13 6.91 -0.33 -0.78
CA LEU B 13 6.50 -1.51 0.07
C LEU B 13 4.96 -1.86 0.19
N ILE B 14 3.97 -0.94 0.28
CA ILE B 14 2.57 -1.37 0.52
C ILE B 14 1.99 -2.42 -0.47
N PRO B 15 2.47 -2.60 -1.69
CA PRO B 15 1.88 -3.62 -2.63
C PRO B 15 1.98 -5.03 -2.09
N LEU B 16 2.76 -5.19 -1.03
CA LEU B 16 2.95 -6.52 -0.39
C LEU B 16 1.63 -7.09 0.10
N VAL B 17 0.76 -6.26 0.66
CA VAL B 17 -0.53 -6.78 1.17
C VAL B 17 -1.33 -7.44 0.03
N PHE B 18 -1.30 -6.81 -1.14
CA PHE B 18 -1.98 -7.36 -2.34
C PHE B 18 -1.41 -8.75 -2.68
N ILE B 19 -0.09 -8.87 -2.55
CA ILE B 19 0.61 -10.15 -2.86
C ILE B 19 0.09 -11.28 -1.98
N TYR B 20 -0.15 -10.99 -0.72
CA TYR B 20 -0.65 -12.05 0.20
C TYR B 20 -1.97 -12.60 -0.32
N ARG B 21 -2.83 -11.71 -0.83
CA ARG B 21 -4.14 -12.14 -1.39
C ARG B 21 -3.90 -13.11 -2.55
N LYS B 22 -2.90 -12.82 -3.37
CA LYS B 22 -2.56 -13.69 -4.53
C LYS B 22 -2.21 -15.11 -4.06
N TYR B 23 -1.48 -15.18 -2.96
CA TYR B 23 -1.05 -16.50 -2.40
C TYR B 23 -2.27 -17.35 -2.05
N ARG B 24 -3.30 -16.69 -1.49
CA ARG B 24 -4.59 -17.37 -1.08
C ARG B 24 -4.47 -17.89 0.35
N LYS B 25 -5.06 -19.06 0.60
CA LYS B 25 -5.04 -19.65 1.97
C LYS B 25 -4.13 -20.88 2.02
N ARG B 26 -3.26 -20.93 3.03
CA ARG B 26 -2.31 -22.06 3.20
C ARG B 26 -2.62 -22.82 4.49
N LYS B 27 -1.93 -22.46 5.58
CA LYS B 27 -2.14 -23.12 6.89
C LYS B 27 -1.62 -24.56 6.85
N SER B 28 -2.33 -25.42 6.11
CA SER B 28 -1.91 -26.86 6.00
C SER B 28 -1.61 -27.44 7.38
N ARG C 1 12.62 11.24 -16.06
CA ARG C 1 11.19 11.66 -16.25
C ARG C 1 10.30 10.42 -16.30
N ASN C 2 10.85 9.29 -15.88
CA ASN C 2 10.08 8.01 -15.88
C ASN C 2 10.87 6.89 -15.21
N ARG C 3 10.39 5.66 -15.37
CA ARG C 3 11.07 4.47 -14.80
C ARG C 3 11.17 4.55 -13.28
N LEU C 4 12.18 5.26 -12.77
CA LEU C 4 12.32 5.37 -11.29
C LEU C 4 11.08 6.02 -10.73
N TRP C 5 10.57 7.02 -11.43
CA TRP C 5 9.32 7.71 -11.02
C TRP C 5 8.17 6.71 -10.99
N LEU C 6 8.16 5.82 -11.97
CA LEU C 6 7.07 4.80 -12.06
C LEU C 6 7.04 3.93 -10.81
N LEU C 7 8.20 3.57 -10.30
CA LEU C 7 8.23 2.70 -9.09
C LEU C 7 7.54 3.37 -7.89
N THR C 8 7.77 4.68 -7.75
CA THR C 8 7.15 5.50 -6.64
C THR C 8 5.62 5.44 -6.74
N ILE C 9 5.18 5.49 -7.97
CA ILE C 9 3.75 5.47 -8.39
C ILE C 9 2.96 4.22 -7.94
N LEU C 10 3.58 3.04 -7.95
CA LEU C 10 2.84 1.74 -7.69
C LEU C 10 2.13 1.70 -6.36
N VAL C 11 2.75 2.20 -5.36
CA VAL C 11 2.18 2.24 -4.01
C VAL C 11 0.84 3.02 -3.93
N LEU C 12 0.74 4.12 -4.68
CA LEU C 12 -0.45 5.02 -4.66
C LEU C 12 -1.62 4.15 -5.02
N LEU C 13 -1.38 3.25 -5.94
CA LEU C 13 -2.41 2.27 -6.37
C LEU C 13 -2.93 1.39 -5.18
N ILE C 14 -2.03 0.99 -4.24
CA ILE C 14 -2.40 0.02 -3.14
C ILE C 14 -3.63 0.33 -2.22
N PRO C 15 -4.20 1.51 -2.14
CA PRO C 15 -5.40 1.71 -1.27
C PRO C 15 -6.59 0.97 -1.88
N LEU C 16 -6.44 0.63 -3.15
CA LEU C 16 -7.47 -0.12 -3.92
C LEU C 16 -7.74 -1.48 -3.28
N VAL C 17 -6.68 -2.13 -2.81
CA VAL C 17 -6.81 -3.48 -2.19
C VAL C 17 -7.74 -3.44 -0.98
N PHE C 18 -7.65 -2.37 -0.19
CA PHE C 18 -8.52 -2.24 1.01
C PHE C 18 -9.99 -2.25 0.60
N ILE C 19 -10.30 -1.57 -0.50
CA ILE C 19 -11.71 -1.53 -1.00
C ILE C 19 -12.17 -2.95 -1.32
N TYR C 20 -11.27 -3.73 -1.90
CA TYR C 20 -11.57 -5.15 -2.27
C TYR C 20 -11.94 -5.95 -1.02
N ARG C 21 -11.23 -5.68 0.08
CA ARG C 21 -11.49 -6.41 1.35
C ARG C 21 -12.92 -6.19 1.83
N LYS C 22 -13.41 -4.96 1.69
CA LYS C 22 -14.81 -4.65 2.11
C LYS C 22 -15.80 -5.52 1.35
N TYR C 23 -15.54 -5.70 0.05
CA TYR C 23 -16.42 -6.54 -0.81
C TYR C 23 -16.48 -7.97 -0.28
N ARG C 24 -15.33 -8.46 0.17
CA ARG C 24 -15.21 -9.86 0.71
C ARG C 24 -16.53 -10.36 1.30
N LYS C 25 -17.37 -10.95 0.45
CA LYS C 25 -18.68 -11.50 0.91
C LYS C 25 -18.50 -12.95 1.36
N ARG C 26 -18.23 -13.83 0.40
CA ARG C 26 -18.02 -15.28 0.69
C ARG C 26 -16.64 -15.71 0.26
N LYS C 27 -16.10 -16.74 0.91
CA LYS C 27 -14.74 -17.25 0.58
C LYS C 27 -14.77 -18.04 -0.71
N SER C 28 -13.73 -17.90 -1.52
CA SER C 28 -13.65 -18.62 -2.81
C SER C 28 -12.19 -18.76 -3.27
N ARG A 1 4.44 25.42 -11.40
CA ARG A 1 3.67 24.91 -10.24
C ARG A 1 3.39 23.42 -10.42
N ASN A 2 4.40 22.61 -10.12
CA ASN A 2 4.26 21.13 -10.26
C ASN A 2 3.85 20.50 -8.93
N ARG A 3 3.08 19.41 -9.00
CA ARG A 3 2.61 18.71 -7.77
C ARG A 3 3.05 17.25 -7.77
N LEU A 4 4.05 16.94 -8.60
CA LEU A 4 4.58 15.55 -8.69
C LEU A 4 5.10 15.11 -7.32
N TRP A 5 5.78 16.03 -6.65
CA TRP A 5 6.34 15.76 -5.30
C TRP A 5 5.23 15.38 -4.32
N LEU A 6 4.10 16.07 -4.44
CA LEU A 6 2.94 15.81 -3.55
C LEU A 6 2.46 14.36 -3.70
N LEU A 7 2.46 13.85 -4.92
CA LEU A 7 2.00 12.46 -5.16
C LEU A 7 2.86 11.45 -4.37
N THR A 8 4.15 11.70 -4.34
CA THR A 8 5.12 10.84 -3.60
C THR A 8 4.77 10.78 -2.11
N ILE A 9 4.36 11.88 -1.56
CA ILE A 9 3.97 11.88 -0.12
C ILE A 9 2.79 10.87 0.11
N LEU A 10 1.82 10.81 -0.84
CA LEU A 10 0.62 9.90 -0.73
C LEU A 10 0.95 8.41 -0.62
N VAL A 11 1.93 8.02 -1.37
CA VAL A 11 2.34 6.59 -1.48
C VAL A 11 2.78 5.99 -0.14
N LEU A 12 3.46 6.77 0.64
CA LEU A 12 3.91 6.39 2.01
C LEU A 12 2.66 6.03 2.82
N LEU A 13 1.58 6.77 2.59
CA LEU A 13 0.27 6.59 3.33
C LEU A 13 -0.39 5.18 3.21
N ILE A 14 -0.35 4.45 2.06
CA ILE A 14 -1.09 3.14 1.93
C ILE A 14 -0.73 2.01 2.97
N PRO A 15 0.33 2.04 3.79
CA PRO A 15 0.63 0.94 4.76
C PRO A 15 -0.45 0.81 5.83
N LEU A 16 -1.34 1.79 5.87
CA LEU A 16 -2.43 1.81 6.89
C LEU A 16 -3.29 0.56 6.77
N VAL A 17 -3.58 0.13 5.55
CA VAL A 17 -4.44 -1.08 5.36
C VAL A 17 -3.81 -2.30 6.02
N PHE A 18 -2.49 -2.43 5.90
CA PHE A 18 -1.78 -3.59 6.53
C PHE A 18 -1.99 -3.57 8.04
N ILE A 19 -1.95 -2.37 8.61
CA ILE A 19 -2.15 -2.19 10.08
C ILE A 19 -3.53 -2.70 10.50
N TYR A 20 -4.52 -2.43 9.66
CA TYR A 20 -5.92 -2.87 9.97
C TYR A 20 -5.97 -4.39 10.11
N ARG A 21 -5.25 -5.08 9.25
CA ARG A 21 -5.19 -6.57 9.31
C ARG A 21 -4.62 -7.03 10.66
N LYS A 22 -3.59 -6.31 11.13
CA LYS A 22 -2.87 -6.67 12.39
C LYS A 22 -3.76 -6.68 13.65
N TYR A 23 -4.69 -5.73 13.80
CA TYR A 23 -5.53 -5.72 15.03
C TYR A 23 -6.34 -7.01 15.13
N ARG A 24 -6.85 -7.49 14.00
CA ARG A 24 -7.65 -8.76 13.98
C ARG A 24 -8.91 -8.59 14.82
N LYS A 25 -8.75 -8.51 16.13
CA LYS A 25 -9.91 -8.35 17.05
C LYS A 25 -9.55 -7.46 18.23
N ARG A 26 -10.45 -6.54 18.58
CA ARG A 26 -10.20 -5.61 19.72
C ARG A 26 -11.53 -5.20 20.34
N LYS A 27 -12.36 -4.51 19.55
CA LYS A 27 -13.70 -4.06 20.04
C LYS A 27 -14.73 -4.16 18.90
N SER A 28 -15.98 -4.35 19.27
CA SER A 28 -17.08 -4.47 18.27
C SER A 28 -18.39 -3.94 18.83
N ARG B 1 20.42 14.75 5.09
CA ARG B 1 20.47 15.75 3.98
C ARG B 1 19.47 15.35 2.91
N ASN B 2 19.76 14.26 2.20
CA ASN B 2 18.86 13.75 1.13
C ASN B 2 18.02 12.60 1.66
N ARG B 3 17.54 12.74 2.88
CA ARG B 3 16.72 11.69 3.54
C ARG B 3 15.36 11.55 2.84
N LEU B 4 14.96 12.58 2.11
CA LEU B 4 13.66 12.55 1.39
C LEU B 4 13.59 11.40 0.40
N TRP B 5 14.70 11.15 -0.30
CA TRP B 5 14.75 10.05 -1.30
C TRP B 5 14.48 8.71 -0.62
N LEU B 6 15.03 8.54 0.57
CA LEU B 6 14.84 7.29 1.34
C LEU B 6 13.36 7.06 1.62
N LEU B 7 12.66 8.14 1.94
CA LEU B 7 11.21 8.06 2.28
C LEU B 7 10.41 7.48 1.12
N THR B 8 10.75 7.87 -0.10
CA THR B 8 10.07 7.36 -1.33
C THR B 8 10.20 5.83 -1.43
N ILE B 9 11.36 5.30 -1.06
CA ILE B 9 11.61 3.81 -1.16
C ILE B 9 10.57 3.03 -0.32
N LEU B 10 10.19 3.54 0.85
CA LEU B 10 9.19 2.84 1.73
C LEU B 10 7.88 2.66 1.00
N VAL B 11 7.57 3.66 0.26
CA VAL B 11 6.30 3.76 -0.49
C VAL B 11 6.14 2.59 -1.50
N LEU B 12 7.20 2.18 -2.16
CA LEU B 12 7.18 1.07 -3.17
C LEU B 12 6.66 -0.20 -2.51
N LEU B 13 7.02 -0.39 -1.27
CA LEU B 13 6.70 -1.62 -0.48
C LEU B 13 5.19 -2.02 -0.33
N ILE B 14 4.20 -1.12 -0.16
CA ILE B 14 2.83 -1.57 0.15
C ILE B 14 2.17 -2.57 -0.82
N PRO B 15 2.59 -2.77 -2.06
CA PRO B 15 1.93 -3.76 -2.97
C PRO B 15 2.02 -5.16 -2.39
N LEU B 16 2.95 -5.30 -1.45
CA LEU B 16 3.19 -6.58 -0.77
C LEU B 16 1.94 -7.08 -0.04
N VAL B 17 1.20 -6.19 0.59
CA VAL B 17 -0.02 -6.64 1.33
C VAL B 17 -1.01 -7.32 0.39
N PHE B 18 -1.18 -6.79 -0.82
CA PHE B 18 -2.11 -7.43 -1.79
C PHE B 18 -1.63 -8.85 -2.11
N ILE B 19 -0.31 -8.98 -2.25
CA ILE B 19 0.32 -10.29 -2.55
C ILE B 19 0.01 -11.31 -1.45
N TYR B 20 0.04 -10.83 -0.21
CA TYR B 20 -0.20 -11.71 0.96
C TYR B 20 -1.59 -12.35 0.89
N ARG B 21 -2.57 -11.56 0.45
CA ARG B 21 -3.97 -12.09 0.34
C ARG B 21 -4.00 -13.27 -0.63
N LYS B 22 -3.24 -13.14 -1.72
CA LYS B 22 -3.18 -14.20 -2.76
C LYS B 22 -2.67 -15.53 -2.20
N TYR B 23 -1.67 -15.47 -1.32
CA TYR B 23 -1.09 -16.72 -0.73
C TYR B 23 -2.16 -17.50 0.03
N ARG B 24 -3.03 -16.80 0.75
CA ARG B 24 -4.12 -17.47 1.53
C ARG B 24 -3.67 -18.83 2.06
N LYS B 25 -2.42 -18.92 2.54
CA LYS B 25 -1.89 -20.22 3.07
C LYS B 25 -2.13 -20.32 4.58
N ARG B 26 -1.04 -20.30 5.34
CA ARG B 26 -1.14 -20.40 6.83
C ARG B 26 0.06 -19.73 7.51
N LYS B 27 -0.17 -19.16 8.68
CA LYS B 27 0.92 -18.48 9.43
C LYS B 27 0.47 -18.11 10.83
N SER B 28 -0.64 -17.35 10.91
CA SER B 28 -1.18 -16.92 12.23
C SER B 28 -1.38 -18.12 13.14
N ARG C 1 12.53 0.62 -13.04
CA ARG C 1 13.03 -0.03 -14.27
C ARG C 1 13.10 1.00 -15.40
N ASN C 2 11.96 1.61 -15.70
CA ASN C 2 11.89 2.65 -16.77
C ASN C 2 12.12 4.03 -16.20
N ARG C 3 11.67 4.24 -14.96
CA ARG C 3 11.85 5.55 -14.28
C ARG C 3 11.72 5.41 -12.77
N LEU C 4 12.66 5.99 -12.05
CA LEU C 4 12.61 5.92 -10.57
C LEU C 4 11.31 6.55 -10.15
N TRP C 5 10.96 7.64 -10.83
CA TRP C 5 9.69 8.33 -10.54
C TRP C 5 8.53 7.38 -10.79
N LEU C 6 8.63 6.56 -11.85
CA LEU C 6 7.53 5.59 -12.13
C LEU C 6 7.36 4.62 -10.95
N LEU C 7 8.47 4.20 -10.38
CA LEU C 7 8.42 3.22 -9.25
C LEU C 7 7.63 3.77 -8.05
N THR C 8 7.81 5.05 -7.77
CA THR C 8 7.12 5.75 -6.64
C THR C 8 5.60 5.65 -6.86
N ILE C 9 5.21 5.77 -8.10
CA ILE C 9 3.78 5.74 -8.55
C ILE C 9 3.03 4.43 -8.17
N LEU C 10 3.70 3.27 -8.23
CA LEU C 10 3.01 1.94 -8.04
C LEU C 10 2.29 1.80 -6.71
N VAL C 11 2.89 2.27 -5.70
CA VAL C 11 2.32 2.23 -4.32
C VAL C 11 0.97 2.98 -4.21
N LEU C 12 0.85 4.10 -4.91
CA LEU C 12 -0.34 4.99 -4.85
C LEU C 12 -1.50 4.10 -5.26
N LEU C 13 -1.25 3.24 -6.20
CA LEU C 13 -2.26 2.26 -6.69
C LEU C 13 -2.77 1.30 -5.53
N ILE C 14 -1.89 0.86 -4.60
CA ILE C 14 -2.24 -0.17 -3.53
C ILE C 14 -3.49 0.09 -2.62
N PRO C 15 -4.06 1.27 -2.49
CA PRO C 15 -5.26 1.45 -1.60
C PRO C 15 -6.46 0.66 -2.12
N LEU C 16 -6.33 0.17 -3.34
CA LEU C 16 -7.41 -0.63 -4.00
C LEU C 16 -7.73 -1.88 -3.19
N VAL C 17 -6.70 -2.52 -2.65
CA VAL C 17 -6.92 -3.76 -1.85
C VAL C 17 -7.84 -3.46 -0.66
N PHE C 18 -7.64 -2.29 -0.04
CA PHE C 18 -8.48 -1.88 1.12
C PHE C 18 -9.95 -1.78 0.69
N ILE C 19 -10.18 -1.26 -0.51
CA ILE C 19 -11.56 -1.11 -1.05
C ILE C 19 -12.24 -2.48 -1.14
N TYR C 20 -11.49 -3.49 -1.55
CA TYR C 20 -12.04 -4.86 -1.69
C TYR C 20 -12.57 -5.37 -0.35
N ARG C 21 -11.83 -5.07 0.71
CA ARG C 21 -12.23 -5.51 2.08
C ARG C 21 -13.60 -4.93 2.45
N LYS C 22 -13.84 -3.68 2.07
CA LYS C 22 -15.13 -3.00 2.39
C LYS C 22 -16.31 -3.76 1.79
N TYR C 23 -16.16 -4.25 0.56
CA TYR C 23 -17.27 -4.99 -0.11
C TYR C 23 -17.69 -6.21 0.70
N ARG C 24 -16.72 -6.92 1.27
CA ARG C 24 -17.05 -8.14 2.08
C ARG C 24 -18.18 -7.83 3.05
N LYS C 25 -18.71 -8.88 3.68
CA LYS C 25 -19.83 -8.71 4.64
C LYS C 25 -19.33 -8.15 5.97
N ARG C 26 -19.96 -7.08 6.44
CA ARG C 26 -19.57 -6.42 7.72
C ARG C 26 -20.80 -6.13 8.56
N LYS C 27 -20.92 -6.82 9.70
CA LYS C 27 -22.08 -6.61 10.61
C LYS C 27 -22.26 -5.13 10.92
N SER C 28 -23.43 -4.78 11.45
CA SER C 28 -23.72 -3.36 11.81
C SER C 28 -24.93 -3.27 12.72
N ARG A 1 -0.08 25.45 -7.17
CA ARG A 1 1.39 25.70 -7.10
C ARG A 1 2.08 24.50 -6.46
N ASN A 2 2.89 23.79 -7.25
CA ASN A 2 3.62 22.60 -6.73
C ASN A 2 2.62 21.57 -6.20
N ARG A 3 2.58 20.40 -6.84
CA ARG A 3 1.63 19.33 -6.42
C ARG A 3 2.21 17.94 -6.69
N LEU A 4 3.17 17.85 -7.61
CA LEU A 4 3.76 16.53 -7.93
C LEU A 4 4.39 15.92 -6.68
N TRP A 5 5.06 16.75 -5.89
CA TRP A 5 5.70 16.27 -4.63
C TRP A 5 4.62 15.70 -3.72
N LEU A 6 3.48 16.37 -3.69
CA LEU A 6 2.33 15.94 -2.85
C LEU A 6 1.87 14.54 -3.25
N LEU A 7 1.86 14.27 -4.56
CA LEU A 7 1.40 12.95 -5.04
C LEU A 7 2.26 11.82 -4.46
N THR A 8 3.57 12.05 -4.38
CA THR A 8 4.49 11.01 -3.82
C THR A 8 4.12 10.67 -2.37
N ILE A 9 3.75 11.67 -1.64
CA ILE A 9 3.39 11.53 -0.19
C ILE A 9 2.22 10.53 -0.07
N LEU A 10 1.27 10.57 -1.00
CA LEU A 10 0.10 9.63 -0.97
C LEU A 10 0.60 8.20 -1.02
N VAL A 11 1.61 8.00 -1.82
CA VAL A 11 2.19 6.67 -2.03
C VAL A 11 2.71 6.04 -0.71
N LEU A 12 3.30 6.84 0.15
CA LEU A 12 3.78 6.39 1.50
C LEU A 12 2.61 5.82 2.33
N LEU A 13 1.43 6.43 2.22
CA LEU A 13 0.20 6.08 3.04
C LEU A 13 -0.37 4.62 2.94
N ILE A 14 -0.41 3.92 1.80
CA ILE A 14 -1.07 2.56 1.78
C ILE A 14 -0.56 1.50 2.83
N PRO A 15 0.59 1.61 3.49
CA PRO A 15 1.00 0.54 4.47
C PRO A 15 0.05 0.52 5.67
N LEU A 16 -0.73 1.59 5.76
CA LEU A 16 -1.70 1.74 6.86
C LEU A 16 -2.71 0.60 6.86
N VAL A 17 -3.16 0.16 5.69
CA VAL A 17 -4.18 -0.93 5.66
C VAL A 17 -3.64 -2.20 6.33
N PHE A 18 -2.38 -2.55 6.10
CA PHE A 18 -1.80 -3.76 6.77
C PHE A 18 -1.86 -3.57 8.29
N ILE A 19 -1.55 -2.36 8.72
CA ILE A 19 -1.56 -1.99 10.16
C ILE A 19 -2.95 -2.19 10.74
N TYR A 20 -3.97 -1.83 9.97
CA TYR A 20 -5.38 -1.95 10.44
C TYR A 20 -5.72 -3.38 10.81
N ARG A 21 -5.25 -4.34 10.01
CA ARG A 21 -5.53 -5.77 10.30
C ARG A 21 -4.95 -6.16 11.66
N LYS A 22 -3.76 -5.67 11.97
CA LYS A 22 -3.07 -6.01 13.24
C LYS A 22 -3.88 -5.60 14.48
N TYR A 23 -4.51 -4.42 14.44
CA TYR A 23 -5.28 -3.96 15.64
C TYR A 23 -6.40 -4.94 15.98
N ARG A 24 -7.07 -5.47 14.96
CA ARG A 24 -8.18 -6.44 15.20
C ARG A 24 -9.23 -5.81 16.11
N LYS A 25 -8.96 -5.85 17.41
CA LYS A 25 -9.89 -5.25 18.42
C LYS A 25 -10.35 -3.87 17.95
N ARG A 26 -11.31 -3.29 18.66
CA ARG A 26 -11.87 -1.93 18.34
C ARG A 26 -13.16 -2.06 17.53
N LYS A 27 -14.15 -1.28 17.91
CA LYS A 27 -15.48 -1.30 17.21
C LYS A 27 -16.06 -2.71 17.21
N SER A 28 -15.56 -3.56 16.32
CA SER A 28 -16.06 -4.96 16.23
C SER A 28 -16.20 -5.57 17.61
N ARG B 1 15.70 14.65 9.83
CA ARG B 1 15.60 15.75 8.83
C ARG B 1 16.77 15.66 7.86
N ASN B 2 16.94 14.51 7.24
CA ASN B 2 18.04 14.29 6.26
C ASN B 2 17.92 12.92 5.60
N ARG B 3 16.77 12.66 4.99
CA ARG B 3 16.54 11.36 4.32
C ARG B 3 15.18 11.36 3.60
N LEU B 4 14.89 12.45 2.91
CA LEU B 4 13.60 12.57 2.16
C LEU B 4 13.51 11.47 1.12
N TRP B 5 14.63 11.19 0.46
CA TRP B 5 14.69 10.12 -0.57
C TRP B 5 14.31 8.79 0.04
N LEU B 6 14.77 8.54 1.26
CA LEU B 6 14.48 7.27 1.96
C LEU B 6 12.98 7.08 2.14
N LEU B 7 12.28 8.16 2.46
CA LEU B 7 10.81 8.08 2.66
C LEU B 7 10.11 7.57 1.40
N THR B 8 10.58 8.03 0.26
CA THR B 8 10.04 7.61 -1.07
C THR B 8 10.19 6.09 -1.24
N ILE B 9 11.29 5.55 -0.76
CA ILE B 9 11.61 4.07 -0.83
C ILE B 9 10.51 3.23 -0.12
N LEU B 10 9.98 3.75 0.99
CA LEU B 10 8.91 3.06 1.81
C LEU B 10 7.71 2.80 0.95
N VAL B 11 7.46 3.73 0.11
CA VAL B 11 6.29 3.74 -0.76
C VAL B 11 6.24 2.50 -1.67
N LEU B 12 7.32 2.01 -2.18
CA LEU B 12 7.39 0.83 -3.09
C LEU B 12 6.77 -0.40 -2.41
N LEU B 13 6.96 -0.55 -1.11
CA LEU B 13 6.55 -1.78 -0.32
C LEU B 13 5.04 -2.22 -0.32
N ILE B 14 4.05 -1.36 -0.29
CA ILE B 14 2.65 -1.82 -0.11
C ILE B 14 2.11 -2.83 -1.13
N PRO B 15 2.59 -2.94 -2.33
CA PRO B 15 2.01 -3.93 -3.29
C PRO B 15 2.04 -5.33 -2.70
N LEU B 16 2.96 -5.52 -1.77
CA LEU B 16 3.12 -6.82 -1.08
C LEU B 16 1.86 -7.22 -0.32
N VAL B 17 1.20 -6.25 0.31
CA VAL B 17 -0.05 -6.58 1.08
C VAL B 17 -1.09 -7.19 0.12
N PHE B 18 -1.18 -6.66 -1.09
CA PHE B 18 -2.14 -7.18 -2.10
C PHE B 18 -1.84 -8.65 -2.41
N ILE B 19 -0.56 -8.97 -2.50
CA ILE B 19 -0.13 -10.38 -2.79
C ILE B 19 -0.65 -11.31 -1.69
N TYR B 20 -0.58 -10.83 -0.45
CA TYR B 20 -1.04 -11.65 0.71
C TYR B 20 -2.53 -12.02 0.55
N ARG B 21 -3.31 -11.06 0.07
CA ARG B 21 -4.77 -11.30 -0.14
C ARG B 21 -4.98 -12.45 -1.12
N LYS B 22 -4.15 -12.48 -2.16
CA LYS B 22 -4.25 -13.56 -3.19
C LYS B 22 -4.03 -14.92 -2.55
N TYR B 23 -3.09 -15.00 -1.62
CA TYR B 23 -2.80 -16.28 -0.92
C TYR B 23 -4.04 -16.79 -0.19
N ARG B 24 -4.78 -15.86 0.43
CA ARG B 24 -6.02 -16.22 1.18
C ARG B 24 -5.92 -17.60 1.83
N LYS B 25 -6.22 -18.64 1.06
CA LYS B 25 -6.16 -20.04 1.61
C LYS B 25 -5.81 -21.02 0.49
N ARG B 26 -4.88 -21.92 0.77
CA ARG B 26 -4.45 -22.93 -0.24
C ARG B 26 -5.53 -24.00 -0.43
N LYS B 27 -5.20 -25.02 -1.21
CA LYS B 27 -6.17 -26.12 -1.47
C LYS B 27 -5.43 -27.44 -1.72
N SER B 28 -4.14 -27.34 -2.01
CA SER B 28 -3.32 -28.55 -2.27
C SER B 28 -1.83 -28.21 -2.22
N ARG C 1 17.10 10.64 -18.20
CA ARG C 1 15.70 10.33 -17.78
C ARG C 1 15.66 9.00 -17.05
N ASN C 2 15.86 9.04 -15.74
CA ASN C 2 15.85 7.81 -14.91
C ASN C 2 14.46 7.19 -14.84
N ARG C 3 14.34 6.09 -14.11
CA ARG C 3 13.03 5.38 -13.96
C ARG C 3 12.65 5.31 -12.48
N LEU C 4 13.45 5.97 -11.65
CA LEU C 4 13.20 5.99 -10.18
C LEU C 4 11.84 6.60 -9.85
N TRP C 5 11.47 7.65 -10.57
CA TRP C 5 10.17 8.33 -10.34
C TRP C 5 9.01 7.35 -10.56
N LEU C 6 9.13 6.53 -11.58
CA LEU C 6 8.07 5.51 -11.88
C LEU C 6 7.86 4.57 -10.70
N LEU C 7 8.95 4.19 -10.07
CA LEU C 7 8.88 3.24 -8.91
C LEU C 7 8.01 3.78 -7.78
N THR C 8 8.12 5.08 -7.52
CA THR C 8 7.32 5.74 -6.44
C THR C 8 5.83 5.55 -6.73
N ILE C 9 5.48 5.63 -8.00
CA ILE C 9 4.08 5.51 -8.53
C ILE C 9 3.37 4.17 -8.20
N LEU C 10 4.06 3.02 -8.21
CA LEU C 10 3.37 1.68 -8.08
C LEU C 10 2.54 1.51 -6.81
N VAL C 11 3.04 1.99 -5.74
CA VAL C 11 2.35 1.95 -4.43
C VAL C 11 1.00 2.71 -4.45
N LEU C 12 0.95 3.82 -5.17
CA LEU C 12 -0.22 4.73 -5.26
C LEU C 12 -1.35 3.85 -5.75
N LEU C 13 -1.02 2.95 -6.64
CA LEU C 13 -2.01 1.97 -7.15
C LEU C 13 -2.62 1.08 -5.99
N ILE C 14 -1.80 0.68 -4.98
CA ILE C 14 -2.22 -0.29 -3.89
C ILE C 14 -3.43 0.09 -2.97
N PRO C 15 -3.99 1.30 -2.95
CA PRO C 15 -5.17 1.60 -2.06
C PRO C 15 -6.37 0.75 -2.45
N LEU C 16 -6.26 0.09 -3.59
CA LEU C 16 -7.36 -0.78 -4.08
C LEU C 16 -7.65 -1.88 -3.06
N VAL C 17 -6.60 -2.41 -2.47
CA VAL C 17 -6.76 -3.49 -1.45
C VAL C 17 -7.60 -2.98 -0.28
N PHE C 18 -7.36 -1.74 0.12
CA PHE C 18 -8.12 -1.11 1.24
C PHE C 18 -9.61 -1.09 0.93
N ILE C 19 -9.94 -0.78 -0.32
CA ILE C 19 -11.37 -0.72 -0.74
C ILE C 19 -12.04 -2.07 -0.53
N TYR C 20 -11.31 -3.14 -0.83
CA TYR C 20 -11.86 -4.51 -0.63
C TYR C 20 -12.19 -4.70 0.85
N ARG C 21 -11.32 -4.19 1.71
CA ARG C 21 -11.51 -4.28 3.18
C ARG C 21 -12.82 -3.60 3.58
N LYS C 22 -13.10 -2.46 2.94
CA LYS C 22 -14.33 -1.69 3.22
C LYS C 22 -15.56 -2.54 2.94
N TYR C 23 -15.52 -3.31 1.86
CA TYR C 23 -16.65 -4.20 1.48
C TYR C 23 -16.95 -5.19 2.60
N ARG C 24 -15.89 -5.71 3.20
CA ARG C 24 -16.06 -6.68 4.33
C ARG C 24 -16.69 -7.98 3.84
N LYS C 25 -16.46 -9.05 4.60
CA LYS C 25 -17.03 -10.39 4.25
C LYS C 25 -17.22 -11.23 5.50
N ARG C 26 -18.35 -11.03 6.17
CA ARG C 26 -18.66 -11.79 7.41
C ARG C 26 -18.43 -13.28 7.19
N LYS C 27 -18.40 -14.04 8.28
CA LYS C 27 -18.18 -15.51 8.20
C LYS C 27 -18.82 -16.23 9.39
N SER C 28 -18.61 -15.69 10.58
CA SER C 28 -19.18 -16.30 11.81
C SER C 28 -19.18 -15.31 12.96
N ARG A 1 4.57 25.35 -10.79
CA ARG A 1 3.94 25.20 -9.46
C ARG A 1 3.27 23.82 -9.37
N ASN A 2 3.78 22.87 -10.17
CA ASN A 2 3.22 21.50 -10.17
C ASN A 2 3.10 20.95 -8.75
N ARG A 3 2.67 19.69 -8.63
CA ARG A 3 2.49 19.06 -7.29
C ARG A 3 2.93 17.59 -7.32
N LEU A 4 3.91 17.29 -8.16
CA LEU A 4 4.43 15.89 -8.27
C LEU A 4 4.98 15.43 -6.92
N TRP A 5 5.66 16.33 -6.21
CA TRP A 5 6.25 16.00 -4.89
C TRP A 5 5.16 15.57 -3.91
N LEU A 6 4.03 16.25 -3.96
CA LEU A 6 2.90 15.92 -3.05
C LEU A 6 2.44 14.48 -3.27
N LEU A 7 2.40 14.05 -4.52
CA LEU A 7 1.95 12.66 -4.84
C LEU A 7 2.82 11.62 -4.13
N THR A 8 4.12 11.88 -4.12
CA THR A 8 5.11 10.98 -3.45
C THR A 8 4.79 10.85 -1.96
N ILE A 9 4.39 11.90 -1.35
CA ILE A 9 4.04 11.84 0.10
C ILE A 9 2.89 10.82 0.33
N LEU A 10 1.89 10.78 -0.59
CA LEU A 10 0.69 9.86 -0.48
C LEU A 10 1.05 8.38 -0.44
N VAL A 11 2.02 8.03 -1.25
CA VAL A 11 2.41 6.61 -1.43
C VAL A 11 2.87 5.94 -0.13
N LEU A 12 3.59 6.66 0.68
CA LEU A 12 4.06 6.18 1.99
C LEU A 12 2.81 5.80 2.80
N LEU A 13 1.77 6.58 2.65
CA LEU A 13 0.47 6.41 3.39
C LEU A 13 -0.25 5.04 3.22
N ILE A 14 -0.29 4.40 2.03
CA ILE A 14 -1.08 3.13 1.86
C ILE A 14 -0.85 1.98 2.92
N PRO A 15 0.21 1.92 3.75
CA PRO A 15 0.37 0.83 4.78
C PRO A 15 -0.75 0.82 5.82
N LEU A 16 -1.58 1.85 5.79
CA LEU A 16 -2.68 1.95 6.79
C LEU A 16 -3.59 0.72 6.68
N VAL A 17 -3.84 0.27 5.46
CA VAL A 17 -4.71 -0.92 5.30
C VAL A 17 -4.10 -2.13 6.01
N PHE A 18 -2.78 -2.27 5.92
CA PHE A 18 -2.08 -3.39 6.61
C PHE A 18 -2.29 -3.30 8.12
N ILE A 19 -2.26 -2.08 8.64
CA ILE A 19 -2.44 -1.83 10.09
C ILE A 19 -3.81 -2.34 10.55
N TYR A 20 -4.83 -2.13 9.72
CA TYR A 20 -6.21 -2.55 10.08
C TYR A 20 -6.24 -4.07 10.29
N ARG A 21 -5.52 -4.80 9.44
CA ARG A 21 -5.47 -6.29 9.57
C ARG A 21 -4.92 -6.68 10.94
N LYS A 22 -3.90 -5.95 11.38
CA LYS A 22 -3.25 -6.22 12.69
C LYS A 22 -4.26 -6.08 13.85
N TYR A 23 -5.12 -5.07 13.74
CA TYR A 23 -6.12 -4.81 14.81
C TYR A 23 -7.06 -6.00 15.02
N ARG A 24 -7.47 -6.64 13.90
CA ARG A 24 -8.41 -7.82 13.94
C ARG A 24 -9.05 -8.03 15.32
N LYS A 25 -8.67 -9.12 15.98
CA LYS A 25 -9.22 -9.43 17.33
C LYS A 25 -10.63 -10.03 17.20
N ARG A 26 -11.36 -10.08 18.31
CA ARG A 26 -12.74 -10.64 18.31
C ARG A 26 -13.71 -9.67 17.65
N LYS A 27 -14.93 -10.15 17.41
CA LYS A 27 -15.98 -9.29 16.78
C LYS A 27 -16.55 -8.30 17.79
N SER A 28 -17.37 -7.38 17.31
CA SER A 28 -17.99 -6.35 18.19
C SER A 28 -16.94 -5.35 18.67
N ARG B 1 23.74 13.52 3.46
CA ARG B 1 22.91 14.08 4.56
C ARG B 1 21.43 13.85 4.23
N ASN B 2 21.02 14.29 3.05
CA ASN B 2 19.61 14.14 2.61
C ASN B 2 19.10 12.73 2.95
N ARG B 3 17.78 12.54 2.86
CA ARG B 3 17.19 11.21 3.17
C ARG B 3 15.77 11.11 2.59
N LEU B 4 15.34 12.17 1.92
CA LEU B 4 13.98 12.20 1.30
C LEU B 4 13.82 11.07 0.28
N TRP B 5 14.86 10.84 -0.49
CA TRP B 5 14.83 9.76 -1.53
C TRP B 5 14.56 8.41 -0.88
N LEU B 6 15.18 8.18 0.26
CA LEU B 6 15.00 6.89 0.99
C LEU B 6 13.53 6.69 1.35
N LEU B 7 12.86 7.77 1.76
CA LEU B 7 11.43 7.67 2.16
C LEU B 7 10.56 7.17 1.01
N THR B 8 10.87 7.65 -0.20
CA THR B 8 10.15 7.25 -1.44
C THR B 8 10.26 5.73 -1.66
N ILE B 9 11.42 5.17 -1.36
CA ILE B 9 11.67 3.70 -1.55
C ILE B 9 10.66 2.87 -0.73
N LEU B 10 10.33 3.33 0.47
CA LEU B 10 9.35 2.63 1.39
C LEU B 10 8.01 2.48 0.70
N VAL B 11 7.69 3.51 -0.01
CA VAL B 11 6.40 3.65 -0.70
C VAL B 11 6.15 2.50 -1.71
N LEU B 12 7.14 2.02 -2.42
CA LEU B 12 7.01 0.90 -3.40
C LEU B 12 6.45 -0.34 -2.69
N LEU B 13 6.87 -0.53 -1.46
CA LEU B 13 6.56 -1.72 -0.62
C LEU B 13 5.03 -2.02 -0.37
N ILE B 14 4.12 -1.08 -0.19
CA ILE B 14 2.73 -1.42 0.19
C ILE B 14 2.03 -2.58 -0.61
N PRO B 15 2.41 -2.99 -1.82
CA PRO B 15 1.72 -4.14 -2.51
C PRO B 15 1.92 -5.46 -1.78
N LEU B 16 2.81 -5.46 -0.80
CA LEU B 16 3.11 -6.70 -0.04
C LEU B 16 1.85 -7.23 0.65
N VAL B 17 1.02 -6.36 1.20
CA VAL B 17 -0.21 -6.86 1.89
C VAL B 17 -1.07 -7.64 0.89
N PHE B 18 -1.16 -7.12 -0.33
CA PHE B 18 -1.94 -7.81 -1.41
C PHE B 18 -1.35 -9.19 -1.69
N ILE B 19 -0.02 -9.25 -1.67
CA ILE B 19 0.71 -10.52 -1.95
C ILE B 19 0.34 -11.59 -0.94
N TYR B 20 0.17 -11.20 0.32
CA TYR B 20 -0.18 -12.20 1.36
C TYR B 20 -1.50 -12.87 1.01
N ARG B 21 -2.46 -12.11 0.51
CA ARG B 21 -3.77 -12.70 0.11
C ARG B 21 -3.55 -13.75 -0.98
N LYS B 22 -2.64 -13.43 -1.90
CA LYS B 22 -2.32 -14.34 -3.04
C LYS B 22 -1.78 -15.68 -2.56
N TYR B 23 -0.95 -15.67 -1.52
CA TYR B 23 -0.35 -16.92 -1.00
C TYR B 23 -1.45 -17.89 -0.52
N ARG B 24 -2.47 -17.36 0.13
CA ARG B 24 -3.59 -18.21 0.64
C ARG B 24 -3.06 -19.51 1.23
N LYS B 25 -2.82 -20.50 0.38
CA LYS B 25 -2.30 -21.82 0.84
C LYS B 25 -1.02 -21.60 1.66
N ARG B 26 -0.35 -22.70 2.01
CA ARG B 26 0.90 -22.61 2.81
C ARG B 26 1.84 -23.77 2.47
N LYS B 27 2.37 -24.42 3.50
CA LYS B 27 3.30 -25.57 3.30
C LYS B 27 3.16 -26.57 4.43
N SER B 28 3.36 -26.12 5.65
CA SER B 28 3.23 -27.01 6.85
C SER B 28 3.22 -26.19 8.14
N ARG C 1 12.35 -0.92 -15.79
CA ARG C 1 11.01 -0.27 -15.92
C ARG C 1 11.19 1.19 -16.32
N ASN C 2 12.40 1.71 -16.09
CA ASN C 2 12.70 3.13 -16.44
C ASN C 2 11.80 4.07 -15.65
N ARG C 3 12.04 5.37 -15.80
CA ARG C 3 11.22 6.39 -15.07
C ARG C 3 11.21 6.11 -13.58
N LEU C 4 12.19 6.69 -12.89
CA LEU C 4 12.30 6.54 -11.42
C LEU C 4 11.04 7.08 -10.78
N TRP C 5 10.55 8.19 -11.33
CA TRP C 5 9.32 8.84 -10.82
C TRP C 5 8.16 7.86 -10.93
N LEU C 6 8.12 7.11 -12.03
CA LEU C 6 7.04 6.11 -12.25
C LEU C 6 7.05 5.08 -11.13
N LEU C 7 8.23 4.67 -10.71
CA LEU C 7 8.35 3.64 -9.65
C LEU C 7 7.68 4.12 -8.35
N THR C 8 7.86 5.39 -8.03
CA THR C 8 7.25 6.03 -6.82
C THR C 8 5.71 5.94 -6.88
N ILE C 9 5.23 6.13 -8.09
CA ILE C 9 3.77 6.13 -8.47
C ILE C 9 3.02 4.81 -8.15
N LEU C 10 3.66 3.66 -8.31
CA LEU C 10 2.91 2.35 -8.20
C LEU C 10 2.20 2.14 -6.88
N VAL C 11 2.81 2.52 -5.82
CA VAL C 11 2.20 2.38 -4.46
C VAL C 11 0.87 3.16 -4.30
N LEU C 12 0.79 4.35 -4.90
CA LEU C 12 -0.39 5.24 -4.78
C LEU C 12 -1.53 4.38 -5.26
N LEU C 13 -1.23 3.60 -6.25
CA LEU C 13 -2.16 2.60 -6.85
C LEU C 13 -2.66 1.55 -5.78
N ILE C 14 -1.78 1.11 -4.86
CA ILE C 14 -2.05 0.00 -3.85
C ILE C 14 -3.34 0.14 -2.97
N PRO C 15 -3.98 1.28 -2.77
CA PRO C 15 -5.21 1.38 -1.92
C PRO C 15 -6.36 0.52 -2.45
N LEU C 16 -6.19 -0.04 -3.64
CA LEU C 16 -7.24 -0.90 -4.26
C LEU C 16 -7.52 -2.09 -3.36
N VAL C 17 -6.46 -2.63 -2.79
CA VAL C 17 -6.63 -3.83 -1.92
C VAL C 17 -7.58 -3.48 -0.76
N PHE C 18 -7.44 -2.28 -0.22
CA PHE C 18 -8.34 -1.84 0.89
C PHE C 18 -9.79 -1.83 0.41
N ILE C 19 -9.99 -1.38 -0.82
CA ILE C 19 -11.36 -1.30 -1.41
C ILE C 19 -12.00 -2.68 -1.46
N TYR C 20 -11.21 -3.69 -1.80
CA TYR C 20 -11.74 -5.07 -1.90
C TYR C 20 -12.31 -5.51 -0.56
N ARG C 21 -11.63 -5.17 0.52
CA ARG C 21 -12.12 -5.53 1.89
C ARG C 21 -13.49 -4.92 2.13
N LYS C 22 -13.65 -3.68 1.67
CA LYS C 22 -14.94 -2.94 1.82
C LYS C 22 -16.07 -3.67 1.13
N TYR C 23 -15.79 -4.22 -0.05
CA TYR C 23 -16.85 -4.93 -0.83
C TYR C 23 -17.42 -6.10 -0.04
N ARG C 24 -16.54 -6.83 0.67
CA ARG C 24 -16.97 -8.00 1.51
C ARG C 24 -18.30 -8.59 1.02
N LYS C 25 -19.33 -8.50 1.86
CA LYS C 25 -20.68 -9.02 1.49
C LYS C 25 -20.62 -10.51 1.14
N ARG C 26 -21.58 -11.27 1.64
CA ARG C 26 -21.64 -12.73 1.36
C ARG C 26 -22.94 -13.33 1.90
N LYS C 27 -23.71 -13.95 1.02
CA LYS C 27 -24.99 -14.59 1.42
C LYS C 27 -25.46 -15.58 0.37
N SER C 28 -26.33 -16.51 0.79
CA SER C 28 -26.85 -17.54 -0.15
C SER C 28 -27.61 -16.88 -1.31
N ARG A 1 -0.93 20.41 -8.51
CA ARG A 1 -0.72 21.70 -9.23
C ARG A 1 0.76 21.87 -9.55
N ASN A 2 1.57 21.98 -8.51
CA ASN A 2 3.04 22.15 -8.69
C ASN A 2 3.81 21.44 -7.57
N ARG A 3 3.07 20.79 -6.67
CA ARG A 3 3.69 20.05 -5.53
C ARG A 3 3.81 18.56 -5.86
N LEU A 4 4.70 18.25 -6.81
CA LEU A 4 4.92 16.84 -7.22
C LEU A 4 5.39 16.02 -6.03
N TRP A 5 6.25 16.63 -5.21
CA TRP A 5 6.78 15.93 -4.00
C TRP A 5 5.63 15.56 -3.07
N LEU A 6 4.66 16.46 -2.95
CA LEU A 6 3.48 16.21 -2.06
C LEU A 6 2.74 14.96 -2.53
N LEU A 7 2.63 14.81 -3.85
CA LEU A 7 1.92 13.64 -4.42
C LEU A 7 2.58 12.32 -3.99
N THR A 8 3.91 12.33 -3.95
CA THR A 8 4.72 11.13 -3.56
C THR A 8 4.36 10.69 -2.13
N ILE A 9 4.14 11.64 -1.29
CA ILE A 9 3.79 11.37 0.13
C ILE A 9 2.52 10.49 0.17
N LEU A 10 1.55 10.69 -0.70
CA LEU A 10 0.31 9.85 -0.68
C LEU A 10 0.71 8.39 -0.85
N VAL A 11 1.66 8.19 -1.71
CA VAL A 11 2.17 6.83 -2.05
C VAL A 11 2.73 6.12 -0.78
N LEU A 12 3.40 6.86 0.08
CA LEU A 12 3.93 6.38 1.39
C LEU A 12 2.77 5.85 2.26
N LEU A 13 1.65 6.55 2.17
CA LEU A 13 0.41 6.33 3.01
C LEU A 13 -0.27 4.93 2.94
N ILE A 14 -0.36 4.24 1.80
CA ILE A 14 -1.11 2.95 1.75
C ILE A 14 -0.79 1.89 2.87
N PRO A 15 0.33 1.90 3.61
CA PRO A 15 0.59 0.86 4.67
C PRO A 15 -0.49 0.84 5.75
N LEU A 16 -1.35 1.84 5.73
CA LEU A 16 -2.42 1.94 6.77
C LEU A 16 -3.31 0.71 6.74
N VAL A 17 -3.64 0.20 5.56
CA VAL A 17 -4.51 -1.01 5.51
C VAL A 17 -3.85 -2.17 6.24
N PHE A 18 -2.54 -2.32 6.07
CA PHE A 18 -1.81 -3.40 6.78
C PHE A 18 -1.92 -3.21 8.29
N ILE A 19 -1.84 -1.95 8.72
CA ILE A 19 -1.93 -1.61 10.17
C ILE A 19 -3.28 -2.06 10.74
N TYR A 20 -4.33 -1.89 9.97
CA TYR A 20 -5.70 -2.26 10.44
C TYR A 20 -5.74 -3.74 10.78
N ARG A 21 -5.09 -4.56 9.96
CA ARG A 21 -5.06 -6.03 10.24
C ARG A 21 -4.41 -6.27 11.60
N LYS A 22 -3.36 -5.51 11.87
CA LYS A 22 -2.62 -5.61 13.16
C LYS A 22 -3.54 -5.30 14.34
N TYR A 23 -4.39 -4.30 14.15
CA TYR A 23 -5.34 -3.87 15.21
C TYR A 23 -6.27 -5.02 15.60
N ARG A 24 -6.72 -5.78 14.61
CA ARG A 24 -7.64 -6.92 14.88
C ARG A 24 -6.95 -7.95 15.79
N LYS A 25 -5.71 -7.66 16.17
CA LYS A 25 -4.92 -8.56 17.05
C LYS A 25 -4.59 -7.85 18.37
N ARG A 26 -4.75 -8.55 19.48
CA ARG A 26 -4.47 -7.95 20.81
C ARG A 26 -3.13 -7.21 20.78
N LYS A 27 -3.11 -6.01 21.35
CA LYS A 27 -1.87 -5.18 21.38
C LYS A 27 -1.56 -4.64 19.98
N SER A 28 -0.80 -3.55 19.92
CA SER A 28 -0.42 -2.94 18.61
C SER A 28 0.96 -2.31 18.68
N ARG B 1 15.70 8.27 11.34
CA ARG B 1 16.97 7.68 10.84
C ARG B 1 16.76 7.21 9.40
N ASN B 2 16.27 8.10 8.56
CA ASN B 2 16.02 7.75 7.12
C ASN B 2 16.07 9.00 6.25
N ARG B 3 16.64 8.87 5.06
CA ARG B 3 16.74 10.01 4.11
C ARG B 3 15.38 10.34 3.50
N LEU B 4 15.22 11.57 3.07
CA LEU B 4 13.94 11.96 2.44
C LEU B 4 13.78 11.06 1.24
N TRP B 5 14.90 10.84 0.56
CA TRP B 5 14.94 9.92 -0.60
C TRP B 5 14.51 8.54 -0.14
N LEU B 6 14.98 8.15 1.06
CA LEU B 6 14.63 6.81 1.62
C LEU B 6 13.11 6.67 1.78
N LEU B 7 12.47 7.74 2.21
CA LEU B 7 11.00 7.68 2.43
C LEU B 7 10.27 7.32 1.13
N THR B 8 10.72 7.88 0.01
CA THR B 8 10.12 7.59 -1.33
C THR B 8 10.24 6.08 -1.62
N ILE B 9 11.36 5.50 -1.23
CA ILE B 9 11.68 4.02 -1.42
C ILE B 9 10.60 3.13 -0.73
N LEU B 10 10.12 3.57 0.44
CA LEU B 10 9.11 2.83 1.29
C LEU B 10 7.85 2.55 0.51
N VAL B 11 7.51 3.49 -0.28
CA VAL B 11 6.24 3.50 -1.02
C VAL B 11 6.05 2.26 -1.93
N LEU B 12 7.08 1.78 -2.59
CA LEU B 12 7.04 0.59 -3.47
C LEU B 12 6.54 -0.61 -2.67
N LEU B 13 6.95 -0.69 -1.44
CA LEU B 13 6.66 -1.85 -0.53
C LEU B 13 5.13 -2.22 -0.30
N ILE B 14 4.17 -1.28 -0.18
CA ILE B 14 2.77 -1.64 0.16
C ILE B 14 2.08 -2.72 -0.73
N PRO B 15 2.50 -3.06 -1.93
CA PRO B 15 1.78 -4.11 -2.74
C PRO B 15 1.93 -5.47 -2.08
N LEU B 16 2.86 -5.55 -1.14
CA LEU B 16 3.13 -6.79 -0.39
C LEU B 16 1.89 -7.28 0.36
N VAL B 17 1.12 -6.37 0.94
CA VAL B 17 -0.10 -6.78 1.70
C VAL B 17 -1.06 -7.53 0.79
N PHE B 18 -1.22 -7.06 -0.44
CA PHE B 18 -2.13 -7.75 -1.41
C PHE B 18 -1.66 -9.18 -1.64
N ILE B 19 -0.34 -9.35 -1.74
CA ILE B 19 0.26 -10.68 -1.97
C ILE B 19 -0.10 -11.64 -0.83
N TYR B 20 -0.08 -11.11 0.39
CA TYR B 20 -0.41 -11.95 1.58
C TYR B 20 -1.81 -12.53 1.47
N ARG B 21 -2.75 -11.73 0.98
CA ARG B 21 -4.15 -12.21 0.83
C ARG B 21 -4.19 -13.41 -0.11
N LYS B 22 -3.40 -13.34 -1.17
CA LYS B 22 -3.32 -14.44 -2.17
C LYS B 22 -2.86 -15.74 -1.51
N TYR B 23 -1.91 -15.63 -0.60
CA TYR B 23 -1.36 -16.83 0.10
C TYR B 23 -2.48 -17.53 0.87
N ARG B 24 -3.35 -16.73 1.50
CA ARG B 24 -4.51 -17.24 2.31
C ARG B 24 -4.11 -17.36 3.79
N LYS B 25 -5.10 -17.63 4.64
CA LYS B 25 -4.85 -17.75 6.11
C LYS B 25 -4.81 -19.23 6.51
N ARG B 26 -3.60 -19.74 6.69
CA ARG B 26 -3.41 -21.17 7.09
C ARG B 26 -3.38 -21.30 8.60
N LYS B 27 -2.54 -20.50 9.24
CA LYS B 27 -2.42 -20.52 10.73
C LYS B 27 -1.87 -19.20 11.24
N SER B 28 -2.78 -18.29 11.59
CA SER B 28 -2.37 -16.95 12.10
C SER B 28 -1.37 -16.29 11.16
N ARG C 1 15.63 8.21 -20.08
CA ARG C 1 16.24 9.17 -19.11
C ARG C 1 15.53 9.04 -17.76
N ASN C 2 16.27 8.57 -16.76
CA ASN C 2 15.69 8.41 -15.39
C ASN C 2 14.54 7.40 -15.40
N ARG C 3 14.13 6.97 -14.21
CA ARG C 3 13.02 5.98 -14.09
C ARG C 3 12.59 5.85 -12.63
N LEU C 4 13.35 6.48 -11.75
CA LEU C 4 13.04 6.43 -10.28
C LEU C 4 11.65 7.02 -10.01
N TRP C 5 11.31 8.09 -10.71
CA TRP C 5 9.99 8.75 -10.50
C TRP C 5 8.85 7.79 -10.81
N LEU C 6 9.02 6.99 -11.87
CA LEU C 6 7.96 6.01 -12.25
C LEU C 6 7.71 5.02 -11.12
N LEU C 7 8.79 4.60 -10.46
CA LEU C 7 8.69 3.61 -9.35
C LEU C 7 7.81 4.13 -8.21
N THR C 8 7.94 5.41 -7.92
CA THR C 8 7.14 6.07 -6.84
C THR C 8 5.65 5.93 -7.14
N ILE C 9 5.30 6.05 -8.41
CA ILE C 9 3.87 5.98 -8.90
C ILE C 9 3.12 4.66 -8.56
N LEU C 10 3.78 3.49 -8.63
CA LEU C 10 3.07 2.15 -8.47
C LEU C 10 2.32 1.96 -7.14
N VAL C 11 2.94 2.42 -6.13
CA VAL C 11 2.44 2.33 -4.74
C VAL C 11 1.07 3.04 -4.50
N LEU C 12 0.86 4.17 -5.13
CA LEU C 12 -0.36 4.99 -4.99
C LEU C 12 -1.50 4.07 -5.37
N LEU C 13 -1.26 3.24 -6.36
CA LEU C 13 -2.26 2.25 -6.84
C LEU C 13 -2.72 1.25 -5.71
N ILE C 14 -1.82 0.78 -4.81
CA ILE C 14 -2.15 -0.26 -3.76
C ILE C 14 -3.44 -0.08 -2.88
N PRO C 15 -4.03 1.10 -2.71
CA PRO C 15 -5.27 1.22 -1.86
C PRO C 15 -6.42 0.38 -2.38
N LEU C 16 -6.26 -0.17 -3.57
CA LEU C 16 -7.31 -1.00 -4.19
C LEU C 16 -7.64 -2.22 -3.32
N VAL C 17 -6.61 -2.83 -2.73
CA VAL C 17 -6.86 -4.02 -1.86
C VAL C 17 -7.78 -3.63 -0.71
N PHE C 18 -7.56 -2.44 -0.15
CA PHE C 18 -8.41 -1.93 0.96
C PHE C 18 -9.87 -1.82 0.51
N ILE C 19 -10.05 -1.38 -0.72
CA ILE C 19 -11.42 -1.19 -1.30
C ILE C 19 -12.18 -2.51 -1.32
N TYR C 20 -11.48 -3.59 -1.66
CA TYR C 20 -12.15 -4.93 -1.72
C TYR C 20 -12.72 -5.29 -0.36
N ARG C 21 -11.98 -4.98 0.70
CA ARG C 21 -12.46 -5.27 2.08
C ARG C 21 -13.76 -4.53 2.35
N LYS C 22 -13.83 -3.29 1.86
CA LYS C 22 -15.04 -2.44 2.03
C LYS C 22 -16.27 -3.09 1.39
N TYR C 23 -16.08 -3.70 0.22
CA TYR C 23 -17.21 -4.34 -0.51
C TYR C 23 -17.84 -5.45 0.32
N ARG C 24 -17.01 -6.23 1.02
CA ARG C 24 -17.51 -7.34 1.87
C ARG C 24 -16.65 -7.53 3.11
N LYS C 25 -17.29 -7.67 4.27
CA LYS C 25 -16.55 -7.87 5.56
C LYS C 25 -16.57 -9.35 5.93
N ARG C 26 -17.76 -9.84 6.28
CA ARG C 26 -17.93 -11.27 6.68
C ARG C 26 -19.42 -11.62 6.73
N LYS C 27 -20.26 -10.59 6.77
CA LYS C 27 -21.73 -10.78 6.83
C LYS C 27 -22.13 -11.59 8.07
N SER C 28 -22.00 -12.91 7.98
CA SER C 28 -22.36 -13.79 9.12
C SER C 28 -21.52 -13.46 10.36
N ARG A 1 0.82 23.34 -4.17
CA ARG A 1 -0.29 23.42 -5.16
C ARG A 1 0.09 22.59 -6.39
N ASN A 2 -0.52 21.41 -6.49
CA ASN A 2 -0.25 20.49 -7.64
C ASN A 2 1.24 20.16 -7.70
N ARG A 3 1.74 19.58 -6.62
CA ARG A 3 3.18 19.20 -6.51
C ARG A 3 3.36 17.72 -6.84
N LEU A 4 4.14 17.44 -7.87
CA LEU A 4 4.37 16.02 -8.25
C LEU A 4 5.01 15.33 -7.06
N TRP A 5 5.92 16.04 -6.41
CA TRP A 5 6.56 15.52 -5.19
C TRP A 5 5.51 15.26 -4.12
N LEU A 6 4.53 16.16 -4.03
CA LEU A 6 3.44 15.99 -2.99
C LEU A 6 2.70 14.67 -3.22
N LEU A 7 2.47 14.34 -4.49
CA LEU A 7 1.76 13.09 -4.84
C LEU A 7 2.53 11.87 -4.31
N THR A 8 3.85 11.92 -4.41
CA THR A 8 4.73 10.79 -3.95
C THR A 8 4.53 10.51 -2.45
N ILE A 9 4.39 11.55 -1.68
CA ILE A 9 4.18 11.43 -0.21
C ILE A 9 2.93 10.60 0.11
N LEU A 10 1.85 10.76 -0.66
CA LEU A 10 0.59 9.97 -0.39
C LEU A 10 0.91 8.49 -0.46
N VAL A 11 1.73 8.19 -1.41
CA VAL A 11 2.12 6.81 -1.69
C VAL A 11 2.80 6.16 -0.44
N LEU A 12 3.63 6.90 0.31
CA LEU A 12 4.24 6.37 1.57
C LEU A 12 3.12 5.95 2.55
N LEU A 13 2.05 6.74 2.58
CA LEU A 13 0.90 6.59 3.53
C LEU A 13 0.14 5.22 3.49
N ILE A 14 -0.08 4.57 2.34
CA ILE A 14 -0.90 3.33 2.31
C ILE A 14 -0.62 2.24 3.40
N PRO A 15 0.54 2.11 4.09
CA PRO A 15 0.72 1.01 5.10
C PRO A 15 -0.43 0.90 6.10
N LEU A 16 -1.30 1.89 6.08
CA LEU A 16 -2.48 1.90 6.99
C LEU A 16 -3.35 0.67 6.74
N VAL A 17 -3.51 0.29 5.48
CA VAL A 17 -4.37 -0.87 5.13
C VAL A 17 -3.89 -2.14 5.80
N PHE A 18 -2.59 -2.35 5.86
CA PHE A 18 -2.04 -3.58 6.51
C PHE A 18 -2.47 -3.61 7.98
N ILE A 19 -2.44 -2.44 8.62
CA ILE A 19 -2.83 -2.32 10.05
C ILE A 19 -4.28 -2.76 10.24
N TYR A 20 -5.13 -2.37 9.29
CA TYR A 20 -6.58 -2.72 9.37
C TYR A 20 -6.77 -4.24 9.41
N ARG A 21 -5.97 -4.94 8.61
CA ARG A 21 -6.05 -6.43 8.56
C ARG A 21 -5.78 -7.05 9.94
N LYS A 22 -4.79 -6.47 10.64
CA LYS A 22 -4.39 -7.00 11.98
C LYS A 22 -5.52 -6.96 12.99
N TYR A 23 -6.32 -5.90 12.98
CA TYR A 23 -7.45 -5.79 13.96
C TYR A 23 -8.42 -6.95 13.81
N ARG A 24 -8.69 -7.34 12.57
CA ARG A 24 -9.64 -8.46 12.29
C ARG A 24 -11.03 -8.12 12.82
N LYS A 25 -11.86 -7.55 11.94
CA LYS A 25 -13.24 -7.15 12.31
C LYS A 25 -13.21 -6.15 13.46
N ARG A 26 -13.71 -4.94 13.21
CA ARG A 26 -13.72 -3.89 14.26
C ARG A 26 -14.54 -2.69 13.80
N LYS A 27 -14.90 -2.66 12.52
CA LYS A 27 -15.69 -1.53 11.97
C LYS A 27 -17.18 -1.76 12.21
N SER A 28 -17.90 -0.67 12.47
CA SER A 28 -19.37 -0.75 12.74
C SER A 28 -20.09 -1.36 11.54
N ARG B 1 20.23 13.82 8.96
CA ARG B 1 18.83 13.75 8.46
C ARG B 1 18.78 12.84 7.24
N ASN B 2 17.67 12.11 7.10
CA ASN B 2 17.49 11.17 5.96
C ASN B 2 17.45 11.96 4.64
N ARG B 3 16.73 11.41 3.66
CA ARG B 3 16.63 12.09 2.33
C ARG B 3 15.22 12.00 1.78
N LEU B 4 14.84 13.00 1.00
CA LEU B 4 13.49 13.00 0.37
C LEU B 4 13.46 11.76 -0.49
N TRP B 5 14.59 11.51 -1.12
CA TRP B 5 14.76 10.31 -1.95
C TRP B 5 14.57 9.08 -1.07
N LEU B 6 15.10 9.13 0.16
CA LEU B 6 14.95 7.96 1.08
C LEU B 6 13.47 7.65 1.33
N LEU B 7 12.67 8.70 1.49
CA LEU B 7 11.22 8.53 1.77
C LEU B 7 10.52 7.78 0.62
N THR B 8 10.91 8.11 -0.59
CA THR B 8 10.36 7.48 -1.83
C THR B 8 10.60 5.96 -1.82
N ILE B 9 11.75 5.52 -1.34
CA ILE B 9 12.09 4.05 -1.31
C ILE B 9 11.05 3.25 -0.48
N LEU B 10 10.56 3.82 0.63
CA LEU B 10 9.56 3.16 1.54
C LEU B 10 8.29 2.83 0.79
N VAL B 11 7.96 3.72 -0.06
CA VAL B 11 6.71 3.70 -0.82
C VAL B 11 6.54 2.45 -1.70
N LEU B 12 7.57 1.95 -2.32
CA LEU B 12 7.49 0.76 -3.20
C LEU B 12 6.93 -0.41 -2.38
N LEU B 13 7.30 -0.50 -1.12
CA LEU B 13 6.93 -1.63 -0.21
C LEU B 13 5.40 -1.95 0.03
N ILE B 14 4.45 -1.00 0.15
CA ILE B 14 3.06 -1.36 0.51
C ILE B 14 2.34 -2.39 -0.41
N PRO B 15 2.74 -2.64 -1.64
CA PRO B 15 2.04 -3.64 -2.52
C PRO B 15 2.11 -5.06 -1.95
N LEU B 16 2.92 -5.24 -0.92
CA LEU B 16 3.08 -6.58 -0.31
C LEU B 16 1.74 -7.10 0.21
N VAL B 17 0.93 -6.23 0.81
CA VAL B 17 -0.38 -6.69 1.33
C VAL B 17 -1.22 -7.25 0.18
N PHE B 18 -1.17 -6.60 -0.97
CA PHE B 18 -1.90 -7.10 -2.18
C PHE B 18 -1.41 -8.49 -2.57
N ILE B 19 -0.10 -8.69 -2.45
CA ILE B 19 0.54 -9.98 -2.81
C ILE B 19 -0.04 -11.11 -1.95
N TYR B 20 -0.27 -10.83 -0.68
CA TYR B 20 -0.81 -11.86 0.24
C TYR B 20 -2.17 -12.35 -0.27
N ARG B 21 -2.99 -11.43 -0.77
CA ARG B 21 -4.34 -11.80 -1.30
C ARG B 21 -4.19 -12.80 -2.45
N LYS B 22 -3.20 -12.56 -3.30
CA LYS B 22 -2.91 -13.45 -4.46
C LYS B 22 -2.61 -14.88 -3.99
N TYR B 23 -1.86 -14.99 -2.90
CA TYR B 23 -1.47 -16.33 -2.37
C TYR B 23 -2.69 -17.17 -2.01
N ARG B 24 -3.70 -16.54 -1.42
CA ARG B 24 -4.97 -17.25 -1.02
C ARG B 24 -5.19 -18.51 -1.87
N LYS B 25 -6.02 -18.38 -2.90
CA LYS B 25 -6.30 -19.55 -3.80
C LYS B 25 -6.81 -20.73 -3.00
N ARG B 26 -7.50 -21.65 -3.68
CA ARG B 26 -8.06 -22.87 -3.02
C ARG B 26 -7.24 -24.10 -3.39
N LYS B 27 -7.12 -25.04 -2.46
CA LYS B 27 -6.34 -26.29 -2.71
C LYS B 27 -7.25 -27.51 -2.60
N SER B 28 -8.49 -27.28 -2.17
CA SER B 28 -9.47 -28.41 -2.02
C SER B 28 -8.88 -29.52 -1.16
N ARG C 1 14.57 -0.12 -17.27
CA ARG C 1 13.90 0.34 -18.52
C ARG C 1 13.64 1.85 -18.41
N ASN C 2 14.41 2.51 -17.55
CA ASN C 2 14.24 3.98 -17.35
C ASN C 2 12.81 4.31 -16.94
N ARG C 3 12.56 4.24 -15.63
CA ARG C 3 11.19 4.52 -15.11
C ARG C 3 11.16 4.56 -13.59
N LEU C 4 12.15 5.24 -13.00
CA LEU C 4 12.23 5.34 -11.52
C LEU C 4 10.99 6.01 -10.95
N TRP C 5 10.50 7.05 -11.63
CA TRP C 5 9.27 7.75 -11.17
C TRP C 5 8.08 6.81 -11.12
N LEU C 6 8.00 5.95 -12.12
CA LEU C 6 6.88 4.97 -12.21
C LEU C 6 6.86 4.06 -10.97
N LEU C 7 8.04 3.65 -10.52
CA LEU C 7 8.12 2.74 -9.33
C LEU C 7 7.49 3.38 -8.08
N THR C 8 7.73 4.67 -7.90
CA THR C 8 7.17 5.44 -6.75
C THR C 8 5.64 5.39 -6.81
N ILE C 9 5.16 5.45 -8.02
CA ILE C 9 3.72 5.46 -8.41
C ILE C 9 2.93 4.20 -7.92
N LEU C 10 3.55 3.02 -7.95
CA LEU C 10 2.80 1.73 -7.67
C LEU C 10 2.14 1.67 -6.31
N VAL C 11 2.80 2.17 -5.33
CA VAL C 11 2.29 2.18 -3.95
C VAL C 11 0.96 2.96 -3.78
N LEU C 12 0.82 4.08 -4.48
CA LEU C 12 -0.36 4.96 -4.38
C LEU C 12 -1.54 4.07 -4.73
N LEU C 13 -1.34 3.21 -5.70
CA LEU C 13 -2.37 2.23 -6.12
C LEU C 13 -2.82 1.31 -4.94
N ILE C 14 -1.89 0.87 -4.06
CA ILE C 14 -2.21 -0.14 -2.97
C ILE C 14 -3.47 0.10 -2.08
N PRO C 15 -4.08 1.27 -1.95
CA PRO C 15 -5.33 1.42 -1.13
C PRO C 15 -6.50 0.70 -1.80
N LEU C 16 -6.30 0.39 -3.07
CA LEU C 16 -7.31 -0.33 -3.91
C LEU C 16 -7.63 -1.69 -3.29
N VAL C 17 -6.63 -2.35 -2.77
CA VAL C 17 -6.81 -3.71 -2.18
C VAL C 17 -7.81 -3.63 -1.02
N PHE C 18 -7.74 -2.58 -0.23
CA PHE C 18 -8.67 -2.45 0.93
C PHE C 18 -10.13 -2.44 0.50
N ILE C 19 -10.44 -1.77 -0.61
CA ILE C 19 -11.85 -1.74 -1.09
C ILE C 19 -12.34 -3.16 -1.40
N TYR C 20 -11.45 -3.96 -1.99
CA TYR C 20 -11.79 -5.38 -2.34
C TYR C 20 -12.15 -6.16 -1.08
N ARG C 21 -11.42 -5.91 0.00
CA ARG C 21 -11.67 -6.63 1.28
C ARG C 21 -13.08 -6.38 1.78
N LYS C 22 -13.56 -5.15 1.63
CA LYS C 22 -14.94 -4.81 2.09
C LYS C 22 -15.96 -5.66 1.33
N TYR C 23 -15.70 -5.86 0.04
CA TYR C 23 -16.59 -6.67 -0.83
C TYR C 23 -16.69 -8.10 -0.30
N ARG C 24 -15.56 -8.63 0.15
CA ARG C 24 -15.53 -10.02 0.69
C ARG C 24 -16.07 -11.01 -0.34
N LYS C 25 -16.03 -12.30 -0.02
CA LYS C 25 -16.54 -13.36 -0.95
C LYS C 25 -17.22 -14.46 -0.15
N ARG C 26 -17.98 -15.30 -0.84
CA ARG C 26 -18.70 -16.43 -0.17
C ARG C 26 -17.88 -17.71 -0.25
N LYS C 27 -18.49 -18.81 0.19
CA LYS C 27 -17.79 -20.13 0.17
C LYS C 27 -17.40 -20.51 -1.26
N SER C 28 -18.38 -20.90 -2.06
CA SER C 28 -18.13 -21.29 -3.46
C SER C 28 -19.44 -21.60 -4.19
N ARG A 1 5.09 22.29 -11.27
CA ARG A 1 6.36 22.16 -10.51
C ARG A 1 6.12 22.52 -9.05
N ASN A 2 7.05 22.12 -8.19
CA ASN A 2 6.93 22.41 -6.73
C ASN A 2 5.65 21.81 -6.16
N ARG A 3 5.36 20.56 -6.53
CA ARG A 3 4.14 19.88 -6.04
C ARG A 3 4.22 18.38 -6.27
N LEU A 4 5.08 17.97 -7.20
CA LEU A 4 5.24 16.52 -7.53
C LEU A 4 5.71 15.74 -6.30
N TRP A 5 6.61 16.32 -5.52
CA TRP A 5 7.13 15.64 -4.30
C TRP A 5 5.99 15.35 -3.32
N LEU A 6 5.07 16.30 -3.21
CA LEU A 6 3.91 16.13 -2.29
C LEU A 6 3.07 14.91 -2.71
N LEU A 7 2.93 14.74 -4.01
CA LEU A 7 2.13 13.60 -4.55
C LEU A 7 2.73 12.26 -4.11
N THR A 8 4.05 12.22 -4.11
CA THR A 8 4.84 11.01 -3.70
C THR A 8 4.51 10.65 -2.25
N ILE A 9 4.35 11.65 -1.45
CA ILE A 9 4.06 11.45 0.00
C ILE A 9 2.79 10.62 0.16
N LEU A 10 1.77 10.80 -0.68
CA LEU A 10 0.52 9.98 -0.54
C LEU A 10 0.88 8.51 -0.67
N VAL A 11 1.77 8.23 -1.58
CA VAL A 11 2.18 6.84 -1.84
C VAL A 11 2.77 6.17 -0.57
N LEU A 12 3.56 6.88 0.21
CA LEU A 12 4.10 6.31 1.49
C LEU A 12 2.92 5.91 2.39
N LEU A 13 1.87 6.70 2.39
CA LEU A 13 0.67 6.50 3.28
C LEU A 13 -0.10 5.15 3.14
N ILE A 14 -0.32 4.57 1.94
CA ILE A 14 -1.13 3.32 1.82
C ILE A 14 -0.95 2.32 3.01
N PRO A 15 0.23 2.14 3.61
CA PRO A 15 0.44 1.24 4.81
C PRO A 15 -0.75 1.17 5.77
N LEU A 16 -1.69 2.11 5.69
CA LEU A 16 -2.84 2.10 6.63
C LEU A 16 -3.62 0.80 6.51
N VAL A 17 -3.82 0.30 5.30
CA VAL A 17 -4.61 -0.95 5.15
C VAL A 17 -3.97 -2.12 5.91
N PHE A 18 -2.64 -2.22 5.85
CA PHE A 18 -1.93 -3.30 6.59
C PHE A 18 -2.21 -3.19 8.08
N ILE A 19 -2.22 -1.96 8.57
CA ILE A 19 -2.46 -1.69 10.03
C ILE A 19 -3.83 -2.21 10.46
N TYR A 20 -4.82 -2.02 9.59
CA TYR A 20 -6.20 -2.48 9.92
C TYR A 20 -6.23 -3.99 10.16
N ARG A 21 -5.49 -4.75 9.36
CA ARG A 21 -5.48 -6.23 9.55
C ARG A 21 -4.97 -6.57 10.95
N LYS A 22 -3.95 -5.84 11.38
CA LYS A 22 -3.37 -6.05 12.74
C LYS A 22 -4.42 -5.82 13.83
N TYR A 23 -5.24 -4.79 13.63
CA TYR A 23 -6.29 -4.44 14.62
C TYR A 23 -7.26 -5.61 14.83
N ARG A 24 -7.62 -6.30 13.75
CA ARG A 24 -8.57 -7.45 13.82
C ARG A 24 -9.61 -7.22 14.92
N LYS A 25 -10.03 -5.97 15.08
CA LYS A 25 -11.02 -5.61 16.12
C LYS A 25 -12.44 -5.88 15.64
N ARG A 26 -13.35 -6.15 16.58
CA ARG A 26 -14.76 -6.43 16.23
C ARG A 26 -15.49 -5.14 15.87
N LYS A 27 -16.10 -5.11 14.68
CA LYS A 27 -16.83 -3.90 14.23
C LYS A 27 -17.92 -4.27 13.23
N SER A 28 -18.95 -4.95 13.72
CA SER A 28 -20.08 -5.38 12.85
C SER A 28 -19.58 -6.27 11.72
N ARG B 1 24.13 12.13 1.75
CA ARG B 1 22.91 11.87 2.58
C ARG B 1 21.80 12.82 2.15
N ASN B 2 20.56 12.44 2.42
CA ASN B 2 19.39 13.29 2.06
C ASN B 2 18.17 12.87 2.88
N ARG B 3 18.06 11.58 3.16
CA ARG B 3 16.93 11.04 3.96
C ARG B 3 15.61 11.11 3.18
N LEU B 4 15.36 12.24 2.52
CA LEU B 4 14.09 12.38 1.75
C LEU B 4 13.99 11.33 0.66
N TRP B 5 15.11 11.04 0.00
CA TRP B 5 15.12 10.01 -1.08
C TRP B 5 14.71 8.65 -0.52
N LEU B 6 15.18 8.37 0.68
CA LEU B 6 14.86 7.08 1.36
C LEU B 6 13.36 6.94 1.56
N LEU B 7 12.69 8.03 1.92
CA LEU B 7 11.22 7.97 2.17
C LEU B 7 10.48 7.50 0.91
N THR B 8 10.92 7.98 -0.24
CA THR B 8 10.33 7.58 -1.55
C THR B 8 10.47 6.06 -1.74
N ILE B 9 11.59 5.52 -1.32
CA ILE B 9 11.92 4.05 -1.44
C ILE B 9 10.86 3.16 -0.70
N LEU B 10 10.39 3.61 0.47
CA LEU B 10 9.39 2.87 1.33
C LEU B 10 8.10 2.60 0.60
N VAL B 11 7.74 3.56 -0.16
CA VAL B 11 6.47 3.61 -0.88
C VAL B 11 6.27 2.42 -1.84
N LEU B 12 7.29 1.96 -2.52
CA LEU B 12 7.21 0.80 -3.46
C LEU B 12 6.68 -0.40 -2.68
N LEU B 13 7.08 -0.52 -1.43
CA LEU B 13 6.75 -1.70 -0.55
C LEU B 13 5.23 -2.01 -0.31
N ILE B 14 4.28 -1.06 -0.15
CA ILE B 14 2.90 -1.42 0.22
C ILE B 14 2.18 -2.49 -0.65
N PRO B 15 2.57 -2.79 -1.90
CA PRO B 15 1.86 -3.83 -2.72
C PRO B 15 2.00 -5.21 -2.09
N LEU B 16 2.89 -5.30 -1.11
CA LEU B 16 3.15 -6.58 -0.40
C LEU B 16 1.89 -7.12 0.26
N VAL B 17 1.06 -6.25 0.85
CA VAL B 17 -0.16 -6.77 1.53
C VAL B 17 -1.04 -7.50 0.51
N PHE B 18 -1.15 -6.94 -0.69
CA PHE B 18 -1.93 -7.61 -1.78
C PHE B 18 -1.32 -8.98 -2.11
N ILE B 19 0.00 -9.02 -2.11
CA ILE B 19 0.74 -10.28 -2.41
C ILE B 19 0.39 -11.37 -1.41
N TYR B 20 0.25 -11.00 -0.15
CA TYR B 20 -0.06 -11.99 0.90
C TYR B 20 -1.38 -12.69 0.61
N ARG B 21 -2.38 -11.95 0.13
CA ARG B 21 -3.68 -12.59 -0.21
C ARG B 21 -3.44 -13.65 -1.28
N LYS B 22 -2.57 -13.29 -2.23
CA LYS B 22 -2.19 -14.22 -3.34
C LYS B 22 -1.55 -15.49 -2.81
N TYR B 23 -0.72 -15.31 -1.77
CA TYR B 23 0.03 -16.45 -1.15
C TYR B 23 -0.92 -17.52 -0.61
N ARG B 24 -2.03 -17.10 0.00
CA ARG B 24 -3.05 -18.03 0.61
C ARG B 24 -2.72 -19.51 0.39
N LYS B 25 -2.61 -19.93 -0.87
CA LYS B 25 -2.28 -21.35 -1.17
C LYS B 25 -1.10 -21.82 -0.32
N ARG B 26 -1.11 -23.09 0.06
CA ARG B 26 -0.02 -23.67 0.89
C ARG B 26 1.32 -23.54 0.19
N LYS B 27 1.86 -22.33 0.17
CA LYS B 27 3.18 -22.07 -0.49
C LYS B 27 3.13 -22.55 -1.94
N SER B 28 4.30 -22.87 -2.49
CA SER B 28 4.37 -23.35 -3.90
C SER B 28 3.50 -22.49 -4.81
N ARG C 1 15.06 4.25 -20.33
CA ARG C 1 16.03 3.59 -19.41
C ARG C 1 15.82 4.09 -17.99
N ASN C 2 15.29 5.31 -17.88
CA ASN C 2 15.03 5.94 -16.54
C ASN C 2 13.54 5.90 -16.21
N ARG C 3 13.17 5.13 -15.19
CA ARG C 3 11.74 5.02 -14.77
C ARG C 3 11.61 4.99 -13.25
N LEU C 4 12.58 5.60 -12.55
CA LEU C 4 12.55 5.63 -11.07
C LEU C 4 11.28 6.31 -10.58
N TRP C 5 10.89 7.39 -11.26
CA TRP C 5 9.66 8.14 -10.87
C TRP C 5 8.44 7.24 -10.95
N LEU C 6 8.41 6.40 -11.98
CA LEU C 6 7.29 5.46 -12.19
C LEU C 6 7.15 4.51 -11.00
N LEU C 7 8.29 4.07 -10.47
CA LEU C 7 8.29 3.11 -9.33
C LEU C 7 7.57 3.68 -8.10
N THR C 8 7.76 4.97 -7.85
CA THR C 8 7.10 5.67 -6.70
C THR C 8 5.57 5.55 -6.84
N ILE C 9 5.11 5.66 -8.08
CA ILE C 9 3.66 5.62 -8.47
C ILE C 9 2.92 4.33 -8.06
N LEU C 10 3.55 3.16 -8.13
CA LEU C 10 2.81 1.85 -7.93
C LEU C 10 2.11 1.74 -6.56
N VAL C 11 2.75 2.20 -5.55
CA VAL C 11 2.18 2.15 -4.18
C VAL C 11 0.84 2.90 -4.03
N LEU C 12 0.70 4.04 -4.69
CA LEU C 12 -0.50 4.89 -4.62
C LEU C 12 -1.66 4.01 -5.04
N LEU C 13 -1.40 3.17 -6.02
CA LEU C 13 -2.41 2.20 -6.51
C LEU C 13 -2.88 1.23 -5.37
N ILE C 14 -1.97 0.78 -4.48
CA ILE C 14 -2.28 -0.26 -3.40
C ILE C 14 -3.54 -0.04 -2.49
N PRO C 15 -4.17 1.12 -2.35
CA PRO C 15 -5.38 1.25 -1.49
C PRO C 15 -6.56 0.47 -2.07
N LEU C 16 -6.37 0.01 -3.32
CA LEU C 16 -7.41 -0.79 -4.04
C LEU C 16 -7.72 -2.07 -3.26
N VAL C 17 -6.70 -2.67 -2.69
CA VAL C 17 -6.88 -3.93 -1.90
C VAL C 17 -7.84 -3.67 -0.75
N PHE C 18 -7.72 -2.51 -0.12
CA PHE C 18 -8.61 -2.14 1.01
C PHE C 18 -10.06 -2.13 0.53
N ILE C 19 -10.28 -1.65 -0.67
CA ILE C 19 -11.66 -1.61 -1.23
C ILE C 19 -12.22 -3.03 -1.32
N TYR C 20 -11.39 -3.98 -1.72
CA TYR C 20 -11.84 -5.38 -1.89
C TYR C 20 -12.39 -5.98 -0.59
N ARG C 21 -11.75 -5.72 0.54
CA ARG C 21 -12.27 -6.28 1.83
C ARG C 21 -13.68 -5.78 2.08
N LYS C 22 -13.91 -4.50 1.78
CA LYS C 22 -15.26 -3.89 1.99
C LYS C 22 -16.31 -4.64 1.15
N TYR C 23 -15.93 -5.00 -0.07
CA TYR C 23 -16.85 -5.74 -0.98
C TYR C 23 -17.27 -7.06 -0.34
N ARG C 24 -16.30 -7.72 0.31
CA ARG C 24 -16.54 -9.04 0.98
C ARG C 24 -17.66 -9.82 0.28
N LYS C 25 -17.57 -9.90 -1.05
CA LYS C 25 -18.61 -10.63 -1.85
C LYS C 25 -18.06 -10.98 -3.23
N ARG C 26 -18.74 -11.89 -3.92
CA ARG C 26 -18.31 -12.32 -5.28
C ARG C 26 -19.43 -12.13 -6.30
N LYS C 27 -19.23 -11.20 -7.23
CA LYS C 27 -20.24 -10.92 -8.28
C LYS C 27 -19.57 -10.27 -9.49
N SER C 28 -19.99 -10.68 -10.69
CA SER C 28 -19.43 -10.11 -11.95
C SER C 28 -20.52 -9.96 -13.00
N ARG A 1 1.85 23.06 -14.91
CA ARG A 1 2.60 22.60 -13.71
C ARG A 1 1.93 21.36 -13.15
N ASN A 2 2.70 20.54 -12.43
CA ASN A 2 2.13 19.30 -11.82
C ASN A 2 2.82 18.99 -10.50
N ARG A 3 2.02 18.88 -9.44
CA ARG A 3 2.56 18.58 -8.09
C ARG A 3 3.01 17.12 -8.00
N LEU A 4 3.98 16.76 -8.83
CA LEU A 4 4.53 15.38 -8.84
C LEU A 4 5.10 15.04 -7.48
N TRP A 5 5.78 16.00 -6.87
CA TRP A 5 6.39 15.79 -5.52
C TRP A 5 5.31 15.44 -4.51
N LEU A 6 4.17 16.11 -4.61
CA LEU A 6 3.04 15.85 -3.67
C LEU A 6 2.59 14.40 -3.76
N LEU A 7 2.55 13.86 -4.98
CA LEU A 7 2.09 12.46 -5.18
C LEU A 7 2.99 11.49 -4.40
N THR A 8 4.28 11.75 -4.41
CA THR A 8 5.27 10.90 -3.67
C THR A 8 4.94 10.89 -2.17
N ILE A 9 4.54 11.99 -1.64
CA ILE A 9 4.18 12.03 -0.19
C ILE A 9 3.01 11.04 0.11
N LEU A 10 2.02 10.95 -0.81
CA LEU A 10 0.81 10.03 -0.65
C LEU A 10 1.16 8.56 -0.52
N VAL A 11 2.11 8.17 -1.30
CA VAL A 11 2.51 6.75 -1.41
C VAL A 11 2.97 6.12 -0.08
N LEU A 12 3.67 6.89 0.69
CA LEU A 12 4.16 6.46 2.03
C LEU A 12 2.93 6.10 2.89
N LEU A 13 1.85 6.84 2.73
CA LEU A 13 0.58 6.68 3.52
C LEU A 13 -0.15 5.30 3.47
N ILE A 14 -0.25 4.58 2.33
CA ILE A 14 -1.07 3.32 2.25
C ILE A 14 -0.68 2.15 3.23
N PRO A 15 0.47 2.11 3.92
CA PRO A 15 0.79 0.94 4.83
C PRO A 15 -0.27 0.79 5.92
N LEU A 16 -1.12 1.78 6.00
CA LEU A 16 -2.21 1.81 7.00
C LEU A 16 -3.14 0.62 6.82
N VAL A 17 -3.42 0.24 5.58
CA VAL A 17 -4.36 -0.89 5.37
C VAL A 17 -3.86 -2.17 6.03
N PHE A 18 -2.56 -2.46 5.94
CA PHE A 18 -2.04 -3.67 6.64
C PHE A 18 -2.30 -3.54 8.15
N ILE A 19 -2.08 -2.33 8.65
CA ILE A 19 -2.31 -2.01 10.09
C ILE A 19 -3.77 -2.25 10.47
N TYR A 20 -4.66 -1.89 9.56
CA TYR A 20 -6.12 -2.01 9.83
C TYR A 20 -6.51 -3.47 10.11
N ARG A 21 -5.93 -4.41 9.38
CA ARG A 21 -6.28 -5.83 9.67
C ARG A 21 -5.92 -6.14 11.11
N LYS A 22 -4.77 -5.64 11.54
CA LYS A 22 -4.33 -5.80 12.95
C LYS A 22 -5.35 -5.15 13.89
N TYR A 23 -5.84 -4.00 13.45
CA TYR A 23 -6.80 -3.19 14.25
C TYR A 23 -8.11 -3.93 14.58
N ARG A 24 -8.63 -4.70 13.61
CA ARG A 24 -9.92 -5.46 13.79
C ARG A 24 -10.34 -5.53 15.26
N LYS A 25 -10.93 -4.43 15.74
CA LYS A 25 -11.38 -4.35 17.15
C LYS A 25 -12.49 -3.31 17.30
N ARG A 26 -13.67 -3.62 16.76
CA ARG A 26 -14.82 -2.67 16.84
C ARG A 26 -16.11 -3.33 16.38
N LYS A 27 -17.23 -2.85 16.91
CA LYS A 27 -18.57 -3.40 16.53
C LYS A 27 -19.32 -2.41 15.63
N SER A 28 -18.60 -1.88 14.65
CA SER A 28 -19.21 -0.90 13.70
C SER A 28 -18.43 -0.88 12.39
N ARG B 1 21.31 14.98 1.06
CA ARG B 1 20.85 14.67 -0.32
C ARG B 1 20.80 13.16 -0.51
N ASN B 2 20.49 12.43 0.56
CA ASN B 2 20.40 10.95 0.48
C ASN B 2 19.43 10.42 1.52
N ARG B 3 18.56 11.30 2.02
CA ARG B 3 17.55 10.91 3.05
C ARG B 3 16.14 10.99 2.45
N LEU B 4 15.87 12.05 1.70
CA LEU B 4 14.54 12.23 1.06
C LEU B 4 14.27 11.06 0.11
N TRP B 5 15.31 10.65 -0.60
CA TRP B 5 15.20 9.52 -1.56
C TRP B 5 14.77 8.23 -0.84
N LEU B 6 15.34 8.04 0.35
CA LEU B 6 15.03 6.83 1.16
C LEU B 6 13.53 6.77 1.47
N LEU B 7 12.94 7.91 1.79
CA LEU B 7 11.50 7.93 2.15
C LEU B 7 10.63 7.39 1.01
N THR B 8 10.98 7.74 -0.21
CA THR B 8 10.24 7.27 -1.43
C THR B 8 10.29 5.72 -1.50
N ILE B 9 11.42 5.14 -1.14
CA ILE B 9 11.61 3.64 -1.20
C ILE B 9 10.55 2.93 -0.32
N LEU B 10 10.22 3.49 0.83
CA LEU B 10 9.20 2.87 1.75
C LEU B 10 7.88 2.75 1.02
N VAL B 11 7.62 3.74 0.25
CA VAL B 11 6.37 3.89 -0.49
C VAL B 11 6.13 2.70 -1.44
N LEU B 12 7.14 2.19 -2.10
CA LEU B 12 7.06 1.05 -3.04
C LEU B 12 6.44 -0.17 -2.33
N LEU B 13 6.80 -0.35 -1.08
CA LEU B 13 6.41 -1.55 -0.25
C LEU B 13 4.88 -1.88 -0.08
N ILE B 14 3.91 -0.96 0.09
CA ILE B 14 2.51 -1.39 0.38
C ILE B 14 1.89 -2.45 -0.58
N PRO B 15 2.34 -2.67 -1.81
CA PRO B 15 1.70 -3.69 -2.69
C PRO B 15 1.92 -5.10 -2.15
N LEU B 16 2.79 -5.21 -1.16
CA LEU B 16 3.10 -6.52 -0.52
C LEU B 16 1.85 -7.14 0.10
N VAL B 17 0.99 -6.35 0.73
CA VAL B 17 -0.20 -6.97 1.37
C VAL B 17 -1.05 -7.68 0.31
N PHE B 18 -1.20 -7.08 -0.86
CA PHE B 18 -1.95 -7.75 -1.97
C PHE B 18 -1.27 -9.05 -2.36
N ILE B 19 0.05 -9.02 -2.38
CA ILE B 19 0.88 -10.20 -2.76
C ILE B 19 0.62 -11.36 -1.81
N TYR B 20 0.48 -11.05 -0.52
CA TYR B 20 0.26 -12.12 0.49
C TYR B 20 -1.01 -12.90 0.17
N ARG B 21 -2.07 -12.21 -0.26
CA ARG B 21 -3.33 -12.93 -0.60
C ARG B 21 -3.07 -13.93 -1.73
N LYS B 22 -2.27 -13.49 -2.70
CA LYS B 22 -1.89 -14.34 -3.87
C LYS B 22 -1.17 -15.61 -3.44
N TYR B 23 -0.30 -15.46 -2.44
CA TYR B 23 0.51 -16.61 -1.95
C TYR B 23 -0.37 -17.74 -1.41
N ARG B 24 -1.46 -17.37 -0.70
CA ARG B 24 -2.42 -18.37 -0.10
C ARG B 24 -1.95 -19.81 -0.28
N LYS B 25 -0.80 -20.13 0.29
CA LYS B 25 -0.24 -21.51 0.17
C LYS B 25 -0.07 -21.87 -1.31
N ARG B 26 1.18 -22.05 -1.73
CA ARG B 26 1.46 -22.40 -3.15
C ARG B 26 0.98 -23.82 -3.46
N LYS B 27 1.30 -24.31 -4.65
CA LYS B 27 0.88 -25.69 -5.06
C LYS B 27 1.98 -26.69 -4.74
N SER B 28 1.60 -27.96 -4.61
CA SER B 28 2.60 -29.03 -4.30
C SER B 28 3.31 -29.48 -5.57
N ARG C 1 13.37 3.85 -20.65
CA ARG C 1 14.29 4.54 -19.70
C ARG C 1 14.28 3.83 -18.35
N ASN C 2 14.77 4.51 -17.32
CA ASN C 2 14.80 3.92 -15.95
C ASN C 2 13.45 4.12 -15.25
N ARG C 3 12.63 4.99 -15.82
CA ARG C 3 11.27 5.28 -15.26
C ARG C 3 11.26 5.17 -13.73
N LEU C 4 12.24 5.79 -13.08
CA LEU C 4 12.34 5.75 -11.58
C LEU C 4 11.09 6.35 -10.95
N TRP C 5 10.59 7.43 -11.54
CA TRP C 5 9.38 8.11 -11.03
C TRP C 5 8.20 7.16 -11.02
N LEU C 6 8.11 6.33 -12.05
CA LEU C 6 6.98 5.37 -12.16
C LEU C 6 6.95 4.43 -10.96
N LEU C 7 8.11 3.98 -10.49
CA LEU C 7 8.10 3.03 -9.33
C LEU C 7 7.43 3.66 -8.09
N THR C 8 7.70 4.94 -7.85
CA THR C 8 7.09 5.68 -6.69
C THR C 8 5.57 5.65 -6.81
N ILE C 9 5.11 5.78 -8.03
CA ILE C 9 3.64 5.80 -8.41
C ILE C 9 2.85 4.53 -7.99
N LEU C 10 3.46 3.34 -8.08
CA LEU C 10 2.72 2.04 -7.87
C LEU C 10 2.03 1.92 -6.52
N VAL C 11 2.68 2.37 -5.53
CA VAL C 11 2.15 2.35 -4.16
C VAL C 11 0.83 3.15 -4.01
N LEU C 12 0.74 4.29 -4.70
CA LEU C 12 -0.43 5.21 -4.63
C LEU C 12 -1.62 4.36 -5.01
N LEU C 13 -1.40 3.50 -5.97
CA LEU C 13 -2.43 2.55 -6.45
C LEU C 13 -2.95 1.60 -5.32
N ILE C 14 -2.08 1.14 -4.39
CA ILE C 14 -2.46 0.11 -3.34
C ILE C 14 -3.73 0.36 -2.44
N PRO C 15 -4.36 1.52 -2.34
CA PRO C 15 -5.59 1.65 -1.49
C PRO C 15 -6.72 0.79 -2.05
N LEU C 16 -6.53 0.35 -3.29
CA LEU C 16 -7.51 -0.51 -3.99
C LEU C 16 -7.74 -1.82 -3.24
N VAL C 17 -6.66 -2.37 -2.69
CA VAL C 17 -6.79 -3.68 -2.01
C VAL C 17 -7.77 -3.61 -0.85
N PHE C 18 -7.78 -2.52 -0.08
CA PHE C 18 -8.76 -2.43 1.04
C PHE C 18 -10.18 -2.50 0.49
N ILE C 19 -10.39 -1.82 -0.64
CA ILE C 19 -11.71 -1.83 -1.32
C ILE C 19 -12.09 -3.26 -1.73
N TYR C 20 -11.09 -4.00 -2.19
CA TYR C 20 -11.32 -5.39 -2.65
C TYR C 20 -11.86 -6.27 -1.53
N ARG C 21 -11.36 -6.07 -0.32
CA ARG C 21 -11.85 -6.88 0.83
C ARG C 21 -13.34 -6.67 1.02
N LYS C 22 -13.79 -5.42 0.88
CA LYS C 22 -15.23 -5.11 1.02
C LYS C 22 -16.05 -5.89 0.00
N TYR C 23 -15.50 -5.98 -1.21
CA TYR C 23 -16.16 -6.69 -2.34
C TYR C 23 -16.39 -8.16 -1.98
N ARG C 24 -15.40 -8.76 -1.33
CA ARG C 24 -15.47 -10.19 -0.93
C ARG C 24 -16.86 -10.52 -0.36
N LYS C 25 -17.24 -9.81 0.70
CA LYS C 25 -18.56 -10.03 1.35
C LYS C 25 -19.67 -9.31 0.58
N ARG C 26 -19.72 -8.00 0.75
CA ARG C 26 -20.76 -7.18 0.05
C ARG C 26 -22.16 -7.51 0.57
N LYS C 27 -22.98 -6.49 0.76
CA LYS C 27 -24.38 -6.69 1.27
C LYS C 27 -25.33 -5.70 0.60
N SER C 28 -24.76 -4.81 -0.21
CA SER C 28 -25.58 -3.78 -0.91
C SER C 28 -26.67 -4.44 -1.74
N ARG A 1 4.89 25.63 -6.43
CA ARG A 1 3.48 26.09 -6.61
C ARG A 1 2.65 24.95 -7.18
N ASN A 2 3.29 23.82 -7.44
CA ASN A 2 2.59 22.63 -8.00
C ASN A 2 2.15 21.71 -6.86
N ARG A 3 2.19 20.40 -7.10
CA ARG A 3 1.78 19.42 -6.06
C ARG A 3 2.24 18.01 -6.41
N LEU A 4 3.17 17.91 -7.34
CA LEU A 4 3.70 16.57 -7.75
C LEU A 4 4.31 15.87 -6.53
N TRP A 5 5.02 16.65 -5.73
CA TRP A 5 5.66 16.10 -4.49
C TRP A 5 4.59 15.53 -3.56
N LEU A 6 3.46 16.24 -3.48
CA LEU A 6 2.34 15.82 -2.60
C LEU A 6 1.83 14.44 -2.99
N LEU A 7 1.76 14.18 -4.30
CA LEU A 7 1.26 12.88 -4.79
C LEU A 7 2.12 11.73 -4.26
N THR A 8 3.43 11.95 -4.24
CA THR A 8 4.40 10.92 -3.73
C THR A 8 4.10 10.58 -2.26
N ILE A 9 3.74 11.57 -1.51
CA ILE A 9 3.44 11.38 -0.05
C ILE A 9 2.30 10.35 0.11
N LEU A 10 1.30 10.38 -0.76
CA LEU A 10 0.16 9.39 -0.67
C LEU A 10 0.69 7.99 -0.76
N VAL A 11 1.64 7.82 -1.62
CA VAL A 11 2.18 6.49 -1.90
C VAL A 11 2.78 5.79 -0.64
N LEU A 12 3.46 6.53 0.23
CA LEU A 12 3.97 6.01 1.54
C LEU A 12 2.80 5.49 2.40
N LEU A 13 1.70 6.22 2.35
CA LEU A 13 0.47 6.00 3.23
C LEU A 13 -0.21 4.60 3.16
N ILE A 14 -0.33 3.93 2.02
CA ILE A 14 -1.08 2.63 2.00
C ILE A 14 -0.78 1.61 3.16
N PRO A 15 0.35 1.57 3.85
CA PRO A 15 0.59 0.53 4.92
C PRO A 15 -0.45 0.58 6.03
N LEU A 16 -1.26 1.62 6.05
CA LEU A 16 -2.28 1.75 7.12
C LEU A 16 -3.23 0.55 7.10
N VAL A 17 -3.61 0.11 5.91
CA VAL A 17 -4.53 -1.06 5.78
C VAL A 17 -3.94 -2.31 6.42
N PHE A 18 -2.64 -2.52 6.23
CA PHE A 18 -1.97 -3.73 6.79
C PHE A 18 -2.08 -3.79 8.30
N ILE A 19 -1.95 -2.65 8.97
CA ILE A 19 -2.04 -2.64 10.46
C ILE A 19 -3.40 -3.16 10.94
N TYR A 20 -4.46 -2.79 10.24
CA TYR A 20 -5.83 -3.24 10.64
C TYR A 20 -5.90 -4.77 10.61
N ARG A 21 -5.29 -5.36 9.59
CA ARG A 21 -5.29 -6.86 9.48
C ARG A 21 -4.64 -7.48 10.70
N LYS A 22 -3.57 -6.86 11.17
CA LYS A 22 -2.83 -7.35 12.36
C LYS A 22 -3.75 -7.38 13.59
N TYR A 23 -4.58 -6.34 13.71
CA TYR A 23 -5.53 -6.25 14.85
C TYR A 23 -6.49 -7.44 14.87
N ARG A 24 -6.94 -7.84 13.68
CA ARG A 24 -7.89 -9.00 13.54
C ARG A 24 -9.33 -8.50 13.57
N LYS A 25 -9.55 -7.38 14.26
CA LYS A 25 -10.91 -6.79 14.37
C LYS A 25 -11.88 -7.80 14.99
N ARG A 26 -11.69 -8.08 16.28
CA ARG A 26 -12.57 -9.05 17.00
C ARG A 26 -13.26 -8.37 18.18
N LYS A 27 -14.43 -8.89 18.55
CA LYS A 27 -15.20 -8.32 19.68
C LYS A 27 -16.13 -9.37 20.28
N SER A 28 -15.86 -9.76 21.52
CA SER A 28 -16.69 -10.78 22.21
C SER A 28 -18.14 -10.32 22.30
N ARG B 1 17.86 20.44 2.71
CA ARG B 1 18.73 19.49 3.43
C ARG B 1 17.87 18.50 4.22
N ASN B 2 16.92 17.87 3.52
CA ASN B 2 15.99 16.89 4.17
C ASN B 2 16.19 15.49 3.58
N ARG B 3 15.44 14.53 4.08
CA ARG B 3 15.52 13.12 3.60
C ARG B 3 14.26 12.73 2.84
N LEU B 4 13.74 13.67 2.05
CA LEU B 4 12.49 13.42 1.27
C LEU B 4 12.69 12.24 0.31
N TRP B 5 13.86 12.17 -0.30
CA TRP B 5 14.16 11.07 -1.27
C TRP B 5 14.04 9.71 -0.59
N LEU B 6 14.52 9.62 0.64
CA LEU B 6 14.48 8.34 1.39
C LEU B 6 13.03 7.88 1.57
N LEU B 7 12.13 8.83 1.83
CA LEU B 7 10.69 8.49 2.05
C LEU B 7 10.09 7.81 0.81
N THR B 8 10.48 8.30 -0.34
CA THR B 8 9.99 7.76 -1.64
C THR B 8 10.34 6.27 -1.79
N ILE B 9 11.51 5.85 -1.33
CA ILE B 9 11.95 4.40 -1.45
C ILE B 9 10.95 3.44 -0.72
N LEU B 10 10.42 3.84 0.43
CA LEU B 10 9.45 3.01 1.29
C LEU B 10 8.21 2.62 0.53
N VAL B 11 7.78 3.52 -0.26
CA VAL B 11 6.49 3.46 -0.97
C VAL B 11 6.33 2.24 -1.91
N LEU B 12 7.36 1.83 -2.60
CA LEU B 12 7.33 0.67 -3.52
C LEU B 12 6.89 -0.55 -2.73
N LEU B 13 7.34 -0.64 -1.50
CA LEU B 13 7.10 -1.80 -0.59
C LEU B 13 5.60 -2.20 -0.31
N ILE B 14 4.62 -1.28 -0.16
CA ILE B 14 3.24 -1.68 0.25
C ILE B 14 2.50 -2.72 -0.64
N PRO B 15 2.88 -3.01 -1.88
CA PRO B 15 2.12 -4.01 -2.71
C PRO B 15 2.12 -5.39 -2.08
N LEU B 16 2.95 -5.56 -1.06
CA LEU B 16 3.05 -6.87 -0.36
C LEU B 16 1.71 -7.28 0.26
N VAL B 17 0.98 -6.32 0.82
CA VAL B 17 -0.32 -6.66 1.47
C VAL B 17 -1.30 -7.29 0.47
N PHE B 18 -1.34 -6.79 -0.75
CA PHE B 18 -2.25 -7.34 -1.78
C PHE B 18 -1.93 -8.82 -2.03
N ILE B 19 -0.65 -9.14 -2.06
CA ILE B 19 -0.20 -10.54 -2.28
C ILE B 19 -0.74 -11.44 -1.18
N TYR B 20 -0.74 -10.93 0.05
CA TYR B 20 -1.23 -11.72 1.22
C TYR B 20 -2.68 -12.13 1.03
N ARG B 21 -3.48 -11.21 0.49
CA ARG B 21 -4.92 -11.49 0.26
C ARG B 21 -5.12 -12.68 -0.70
N LYS B 22 -4.28 -12.75 -1.73
CA LYS B 22 -4.38 -13.85 -2.73
C LYS B 22 -4.19 -15.21 -2.07
N TYR B 23 -3.27 -15.31 -1.14
CA TYR B 23 -3.02 -16.61 -0.44
C TYR B 23 -4.27 -17.08 0.29
N ARG B 24 -4.99 -16.14 0.91
CA ARG B 24 -6.23 -16.49 1.64
C ARG B 24 -5.93 -17.57 2.69
N LYS B 25 -4.65 -17.86 2.88
CA LYS B 25 -4.22 -18.89 3.86
C LYS B 25 -3.92 -18.25 5.21
N ARG B 26 -4.29 -18.95 6.29
CA ARG B 26 -4.05 -18.43 7.66
C ARG B 26 -2.57 -18.13 7.86
N LYS B 27 -2.25 -17.44 8.96
CA LYS B 27 -0.84 -17.08 9.27
C LYS B 27 -0.13 -18.27 9.90
N SER B 28 -0.89 -19.16 10.52
CA SER B 28 -0.31 -20.35 11.19
C SER B 28 -1.41 -21.31 11.64
N ARG C 1 13.28 9.85 -19.23
CA ARG C 1 13.91 10.71 -18.18
C ARG C 1 14.11 9.89 -16.91
N ASN C 2 15.16 9.06 -16.91
CA ASN C 2 15.45 8.20 -15.73
C ASN C 2 14.34 7.17 -15.53
N ARG C 3 14.17 6.71 -14.29
CA ARG C 3 13.12 5.69 -13.99
C ARG C 3 12.73 5.70 -12.52
N LEU C 4 13.44 6.47 -11.70
CA LEU C 4 13.13 6.52 -10.25
C LEU C 4 11.71 7.01 -10.00
N TRP C 5 11.28 8.00 -10.78
CA TRP C 5 9.91 8.57 -10.62
C TRP C 5 8.86 7.48 -10.85
N LEU C 6 9.10 6.62 -11.83
CA LEU C 6 8.14 5.53 -12.13
C LEU C 6 7.94 4.62 -10.93
N LEU C 7 9.03 4.33 -10.22
CA LEU C 7 8.96 3.43 -9.03
C LEU C 7 8.02 3.99 -7.96
N THR C 8 8.06 5.29 -7.76
CA THR C 8 7.19 5.98 -6.75
C THR C 8 5.72 5.72 -7.10
N ILE C 9 5.43 5.74 -8.38
CA ILE C 9 4.03 5.56 -8.93
C ILE C 9 3.33 4.22 -8.57
N LEU C 10 4.04 3.07 -8.55
CA LEU C 10 3.37 1.72 -8.33
C LEU C 10 2.60 1.59 -7.03
N VAL C 11 3.18 2.13 -6.03
CA VAL C 11 2.65 2.14 -4.65
C VAL C 11 1.26 2.86 -4.52
N LEU C 12 1.08 3.95 -5.27
CA LEU C 12 -0.12 4.80 -5.27
C LEU C 12 -1.25 3.85 -5.60
N LEU C 13 -0.96 2.92 -6.49
CA LEU C 13 -1.93 1.87 -6.88
C LEU C 13 -2.41 1.01 -5.64
N ILE C 14 -1.51 0.67 -4.67
CA ILE C 14 -1.86 -0.25 -3.52
C ILE C 14 -3.06 0.13 -2.57
N PRO C 15 -3.65 1.31 -2.57
CA PRO C 15 -4.80 1.59 -1.66
C PRO C 15 -6.06 0.88 -2.15
N LEU C 16 -5.96 0.34 -3.37
CA LEU C 16 -7.10 -0.39 -4.00
C LEU C 16 -7.53 -1.57 -3.15
N VAL C 17 -6.59 -2.29 -2.57
CA VAL C 17 -6.96 -3.47 -1.74
C VAL C 17 -7.86 -3.02 -0.60
N PHE C 18 -7.52 -1.88 0.00
CA PHE C 18 -8.35 -1.32 1.11
C PHE C 18 -9.77 -1.03 0.62
N ILE C 19 -9.86 -0.51 -0.60
CA ILE C 19 -11.17 -0.15 -1.20
C ILE C 19 -12.08 -1.37 -1.31
N TYR C 20 -11.51 -2.51 -1.68
CA TYR C 20 -12.33 -3.73 -1.82
C TYR C 20 -13.00 -4.08 -0.49
N ARG C 21 -12.27 -3.93 0.61
CA ARG C 21 -12.87 -4.20 1.95
C ARG C 21 -14.07 -3.28 2.17
N LYS C 22 -13.90 -2.03 1.75
CA LYS C 22 -14.96 -0.99 1.87
C LYS C 22 -16.20 -1.41 1.10
N TYR C 23 -16.01 -2.00 -0.07
CA TYR C 23 -17.14 -2.42 -0.94
C TYR C 23 -18.04 -3.42 -0.24
N ARG C 24 -17.45 -4.37 0.50
CA ARG C 24 -18.26 -5.39 1.22
C ARG C 24 -17.47 -5.99 2.38
N LYS C 25 -18.21 -6.49 3.38
CA LYS C 25 -17.58 -7.12 4.57
C LYS C 25 -18.26 -8.45 4.88
N ARG C 26 -19.52 -8.57 4.48
CA ARG C 26 -20.30 -9.82 4.71
C ARG C 26 -19.95 -10.87 3.68
N LYS C 27 -20.18 -12.13 4.02
CA LYS C 27 -19.88 -13.26 3.10
C LYS C 27 -20.69 -14.50 3.49
N SER C 28 -20.47 -14.98 4.70
CA SER C 28 -21.20 -16.18 5.20
C SER C 28 -22.68 -15.86 5.39
N ARG A 1 2.68 26.47 -4.73
CA ARG A 1 2.94 25.36 -3.77
C ARG A 1 3.38 24.11 -4.53
N ASN A 2 3.71 23.07 -3.79
CA ASN A 2 4.15 21.79 -4.41
C ASN A 2 2.98 21.06 -5.06
N ARG A 3 3.27 20.11 -5.95
CA ARG A 3 2.20 19.34 -6.63
C ARG A 3 2.63 17.89 -6.89
N LEU A 4 3.56 17.69 -7.83
CA LEU A 4 4.02 16.31 -8.13
C LEU A 4 4.61 15.68 -6.88
N TRP A 5 5.35 16.49 -6.13
CA TRP A 5 5.96 16.02 -4.86
C TRP A 5 4.88 15.57 -3.89
N LEU A 6 3.78 16.33 -3.88
CA LEU A 6 2.65 16.02 -2.97
C LEU A 6 2.08 14.64 -3.26
N LEU A 7 2.00 14.29 -4.54
CA LEU A 7 1.45 12.95 -4.92
C LEU A 7 2.29 11.83 -4.33
N THR A 8 3.61 12.01 -4.33
CA THR A 8 4.56 10.98 -3.78
C THR A 8 4.28 10.73 -2.29
N ILE A 9 3.97 11.77 -1.57
CA ILE A 9 3.69 11.65 -0.11
C ILE A 9 2.52 10.67 0.10
N LEU A 10 1.51 10.70 -0.76
CA LEU A 10 0.31 9.80 -0.62
C LEU A 10 0.74 8.34 -0.66
N VAL A 11 1.69 8.09 -1.52
CA VAL A 11 2.19 6.73 -1.78
C VAL A 11 2.79 6.07 -0.50
N LEU A 12 3.48 6.85 0.31
CA LEU A 12 4.04 6.38 1.62
C LEU A 12 2.88 5.90 2.50
N LEU A 13 1.77 6.61 2.40
CA LEU A 13 0.52 6.39 3.22
C LEU A 13 -0.15 4.99 3.13
N ILE A 14 -0.21 4.31 1.99
CA ILE A 14 -0.96 3.02 1.90
C ILE A 14 -0.62 1.91 2.97
N PRO A 15 0.51 1.86 3.70
CA PRO A 15 0.73 0.74 4.67
C PRO A 15 -0.31 0.71 5.78
N LEU A 16 -1.11 1.76 5.87
CA LEU A 16 -2.12 1.84 6.95
C LEU A 16 -3.10 0.66 6.88
N VAL A 17 -3.49 0.26 5.68
CA VAL A 17 -4.45 -0.88 5.54
C VAL A 17 -3.89 -2.17 6.15
N PHE A 18 -2.60 -2.42 5.97
CA PHE A 18 -1.99 -3.65 6.53
C PHE A 18 -2.12 -3.67 8.06
N ILE A 19 -1.94 -2.50 8.67
CA ILE A 19 -2.07 -2.39 10.15
C ILE A 19 -3.48 -2.78 10.60
N TYR A 20 -4.48 -2.37 9.81
CA TYR A 20 -5.90 -2.68 10.14
C TYR A 20 -6.11 -4.20 10.18
N ARG A 21 -5.48 -4.89 9.25
CA ARG A 21 -5.59 -6.37 9.18
C ARG A 21 -5.09 -7.01 10.47
N LYS A 22 -3.99 -6.47 11.00
CA LYS A 22 -3.39 -7.02 12.25
C LYS A 22 -4.38 -6.94 13.41
N TYR A 23 -5.13 -5.84 13.47
CA TYR A 23 -6.14 -5.66 14.56
C TYR A 23 -7.18 -6.78 14.51
N ARG A 24 -7.58 -7.15 13.30
CA ARG A 24 -8.59 -8.23 13.11
C ARG A 24 -9.94 -7.80 13.71
N LYS A 25 -10.61 -8.74 14.38
CA LYS A 25 -11.94 -8.47 15.02
C LYS A 25 -12.75 -7.46 14.19
N ARG A 26 -13.28 -6.44 14.85
CA ARG A 26 -14.09 -5.41 14.16
C ARG A 26 -14.14 -4.13 14.99
N LYS A 27 -15.23 -3.96 15.74
CA LYS A 27 -15.40 -2.76 16.59
C LYS A 27 -15.29 -1.48 15.76
N SER A 28 -16.29 -1.26 14.92
CA SER A 28 -16.31 -0.04 14.05
C SER A 28 -17.73 0.32 13.66
N ARG B 1 22.85 16.51 3.16
CA ARG B 1 22.39 15.32 3.93
C ARG B 1 20.86 15.29 3.91
N ASN B 2 20.29 14.99 2.75
CA ASN B 2 18.81 14.92 2.61
C ASN B 2 18.32 13.51 2.91
N ARG B 3 17.04 13.40 3.27
CA ARG B 3 16.43 12.08 3.61
C ARG B 3 15.08 11.92 2.92
N LEU B 4 14.67 12.94 2.18
CA LEU B 4 13.36 12.90 1.46
C LEU B 4 13.34 11.73 0.48
N TRP B 5 14.46 11.52 -0.20
CA TRP B 5 14.55 10.41 -1.19
C TRP B 5 14.30 9.06 -0.52
N LEU B 6 14.83 8.90 0.68
CA LEU B 6 14.64 7.63 1.43
C LEU B 6 13.15 7.36 1.67
N LEU B 7 12.40 8.40 1.99
CA LEU B 7 10.94 8.26 2.26
C LEU B 7 10.22 7.71 1.02
N THR B 8 10.63 8.19 -0.13
CA THR B 8 10.08 7.76 -1.44
C THR B 8 10.31 6.25 -1.61
N ILE B 9 11.44 5.77 -1.17
CA ILE B 9 11.84 4.31 -1.26
C ILE B 9 10.81 3.38 -0.53
N LEU B 10 10.29 3.83 0.62
CA LEU B 10 9.31 3.06 1.50
C LEU B 10 8.05 2.69 0.75
N VAL B 11 7.66 3.61 -0.05
CA VAL B 11 6.39 3.58 -0.78
C VAL B 11 6.22 2.35 -1.71
N LEU B 12 7.26 1.91 -2.36
CA LEU B 12 7.25 0.75 -3.29
C LEU B 12 6.77 -0.46 -2.52
N LEU B 13 7.15 -0.56 -1.28
CA LEU B 13 6.85 -1.74 -0.41
C LEU B 13 5.33 -2.10 -0.22
N ILE B 14 4.36 -1.17 -0.10
CA ILE B 14 2.96 -1.57 0.20
C ILE B 14 2.30 -2.65 -0.69
N PRO B 15 2.72 -2.91 -1.91
CA PRO B 15 2.03 -3.94 -2.76
C PRO B 15 2.12 -5.34 -2.14
N LEU B 16 2.95 -5.45 -1.11
CA LEU B 16 3.16 -6.74 -0.42
C LEU B 16 1.84 -7.26 0.17
N VAL B 17 1.03 -6.38 0.74
CA VAL B 17 -0.25 -6.84 1.36
C VAL B 17 -1.17 -7.50 0.33
N PHE B 18 -1.22 -6.96 -0.88
CA PHE B 18 -2.09 -7.52 -1.94
C PHE B 18 -1.72 -8.97 -2.29
N ILE B 19 -0.42 -9.26 -2.34
CA ILE B 19 0.03 -10.63 -2.68
C ILE B 19 -0.49 -11.65 -1.67
N TYR B 20 -0.49 -11.27 -0.39
CA TYR B 20 -0.95 -12.19 0.67
C TYR B 20 -2.41 -12.61 0.44
N ARG B 21 -3.24 -11.66 0.02
CA ARG B 21 -4.67 -11.99 -0.24
C ARG B 21 -4.76 -13.05 -1.34
N LYS B 22 -3.91 -12.90 -2.35
CA LYS B 22 -3.88 -13.86 -3.49
C LYS B 22 -3.56 -15.28 -3.03
N TYR B 23 -2.64 -15.39 -2.09
CA TYR B 23 -2.22 -16.73 -1.59
C TYR B 23 -3.40 -17.50 -0.99
N ARG B 24 -4.25 -16.80 -0.25
CA ARG B 24 -5.46 -17.43 0.39
C ARG B 24 -5.14 -18.87 0.81
N LYS B 25 -5.33 -19.81 -0.10
CA LYS B 25 -5.05 -21.25 0.19
C LYS B 25 -4.71 -21.99 -1.11
N ARG B 26 -5.37 -23.12 -1.34
CA ARG B 26 -5.11 -23.92 -2.57
C ARG B 26 -3.64 -24.32 -2.68
N LYS B 27 -2.79 -23.36 -3.02
CA LYS B 27 -1.34 -23.63 -3.14
C LYS B 27 -0.81 -24.30 -1.87
N SER B 28 -0.11 -25.42 -2.05
CA SER B 28 0.45 -26.17 -0.89
C SER B 28 1.78 -25.59 -0.46
N ARG C 1 18.41 1.60 -13.90
CA ARG C 1 18.75 3.04 -14.08
C ARG C 1 17.51 3.79 -14.57
N ASN C 2 17.45 5.08 -14.27
CA ASN C 2 16.30 5.92 -14.70
C ASN C 2 14.98 5.30 -14.26
N ARG C 3 13.88 5.96 -14.62
CA ARG C 3 12.52 5.46 -14.26
C ARG C 3 12.31 5.43 -12.74
N LEU C 4 13.14 6.18 -12.02
CA LEU C 4 13.00 6.24 -10.53
C LEU C 4 11.62 6.75 -10.15
N TRP C 5 11.15 7.75 -10.91
CA TRP C 5 9.80 8.34 -10.66
C TRP C 5 8.72 7.28 -10.80
N LEU C 6 8.89 6.41 -11.80
CA LEU C 6 7.89 5.33 -12.07
C LEU C 6 7.76 4.43 -10.85
N LEU C 7 8.87 4.13 -10.21
CA LEU C 7 8.84 3.25 -9.00
C LEU C 7 7.97 3.84 -7.89
N THR C 8 8.07 5.15 -7.72
CA THR C 8 7.27 5.88 -6.69
C THR C 8 5.78 5.69 -6.94
N ILE C 9 5.41 5.71 -8.20
CA ILE C 9 4.00 5.58 -8.71
C ILE C 9 3.26 4.26 -8.32
N LEU C 10 3.93 3.10 -8.31
CA LEU C 10 3.23 1.77 -8.10
C LEU C 10 2.46 1.68 -6.78
N VAL C 11 3.05 2.19 -5.79
CA VAL C 11 2.50 2.22 -4.41
C VAL C 11 1.13 2.96 -4.29
N LEU C 12 0.97 4.06 -5.02
CA LEU C 12 -0.24 4.90 -4.98
C LEU C 12 -1.38 3.97 -5.35
N LEU C 13 -1.11 3.08 -6.28
CA LEU C 13 -2.10 2.06 -6.73
C LEU C 13 -2.60 1.13 -5.57
N ILE C 14 -1.72 0.72 -4.63
CA ILE C 14 -2.06 -0.28 -3.54
C ILE C 14 -3.34 -0.02 -2.67
N PRO C 15 -3.93 1.16 -2.57
CA PRO C 15 -5.16 1.38 -1.74
C PRO C 15 -6.34 0.54 -2.23
N LEU C 16 -6.17 -0.06 -3.40
CA LEU C 16 -7.26 -0.88 -4.00
C LEU C 16 -7.64 -2.02 -3.07
N VAL C 17 -6.64 -2.64 -2.43
CA VAL C 17 -6.94 -3.77 -1.50
C VAL C 17 -7.86 -3.28 -0.38
N PHE C 18 -7.58 -2.07 0.11
CA PHE C 18 -8.41 -1.45 1.19
C PHE C 18 -9.86 -1.29 0.72
N ILE C 19 -10.02 -0.90 -0.53
CA ILE C 19 -11.38 -0.69 -1.12
C ILE C 19 -12.20 -1.96 -1.07
N TYR C 20 -11.57 -3.10 -1.34
CA TYR C 20 -12.31 -4.39 -1.32
C TYR C 20 -12.89 -4.62 0.08
N ARG C 21 -12.13 -4.30 1.11
CA ARG C 21 -12.62 -4.44 2.51
C ARG C 21 -13.86 -3.57 2.70
N LYS C 22 -13.81 -2.38 2.12
CA LYS C 22 -14.93 -1.40 2.20
C LYS C 22 -16.22 -1.96 1.60
N TYR C 23 -16.10 -2.67 0.49
CA TYR C 23 -17.30 -3.22 -0.19
C TYR C 23 -18.07 -4.17 0.73
N ARG C 24 -17.33 -4.99 1.49
CA ARG C 24 -17.93 -5.97 2.46
C ARG C 24 -19.41 -6.22 2.16
N LYS C 25 -20.26 -5.30 2.64
CA LYS C 25 -21.73 -5.41 2.42
C LYS C 25 -22.18 -4.41 1.35
N ARG C 26 -23.03 -3.45 1.73
CA ARG C 26 -23.54 -2.42 0.77
C ARG C 26 -23.63 -2.97 -0.65
N LYS C 27 -24.73 -3.65 -0.94
CA LYS C 27 -24.95 -4.24 -2.30
C LYS C 27 -24.14 -5.54 -2.44
N SER C 28 -24.72 -6.64 -1.97
CA SER C 28 -24.03 -7.97 -2.04
C SER C 28 -23.42 -8.18 -3.42
N ARG A 1 7.01 18.97 -12.17
CA ARG A 1 7.68 20.26 -11.82
C ARG A 1 7.49 20.54 -10.33
N ASN A 2 6.23 20.67 -9.91
CA ASN A 2 5.94 20.95 -8.48
C ASN A 2 4.58 20.38 -8.07
N ARG A 3 4.45 19.05 -8.15
CA ARG A 3 3.18 18.38 -7.78
C ARG A 3 3.37 16.86 -7.77
N LEU A 4 4.33 16.39 -8.55
CA LEU A 4 4.63 14.94 -8.64
C LEU A 4 5.04 14.38 -7.27
N TRP A 5 5.82 15.15 -6.54
CA TRP A 5 6.30 14.71 -5.19
C TRP A 5 5.12 14.44 -4.26
N LEU A 6 4.10 15.28 -4.33
CA LEU A 6 2.91 15.12 -3.45
C LEU A 6 2.24 13.77 -3.70
N LEU A 7 2.17 13.36 -4.97
CA LEU A 7 1.52 12.07 -5.34
C LEU A 7 2.23 10.89 -4.66
N THR A 8 3.54 10.95 -4.60
CA THR A 8 4.36 9.88 -3.97
C THR A 8 3.95 9.72 -2.51
N ILE A 9 3.65 10.83 -1.85
CA ILE A 9 3.26 10.86 -0.40
C ILE A 9 2.00 10.02 -0.04
N LEU A 10 0.95 9.99 -0.88
CA LEU A 10 -0.36 9.31 -0.50
C LEU A 10 -0.22 7.83 -0.16
N VAL A 11 0.58 7.20 -0.91
CA VAL A 11 0.90 5.77 -0.79
C VAL A 11 1.53 5.39 0.59
N LEU A 12 2.37 6.26 1.13
CA LEU A 12 3.09 6.02 2.40
C LEU A 12 1.99 5.78 3.41
N LEU A 13 0.90 6.50 3.27
CA LEU A 13 -0.29 6.34 4.16
C LEU A 13 -0.89 4.88 4.13
N ILE A 14 -0.95 4.17 2.96
CA ILE A 14 -1.63 2.82 2.85
C ILE A 14 -1.09 1.64 3.73
N PRO A 15 0.04 1.69 4.43
CA PRO A 15 0.50 0.53 5.26
C PRO A 15 -0.47 0.28 6.41
N LEU A 16 -1.37 1.23 6.60
CA LEU A 16 -2.38 1.14 7.69
C LEU A 16 -3.26 -0.10 7.52
N VAL A 17 -3.64 -0.41 6.28
CA VAL A 17 -4.48 -1.63 6.03
C VAL A 17 -3.76 -2.88 6.51
N PHE A 18 -2.45 -2.95 6.28
CA PHE A 18 -1.65 -4.12 6.74
C PHE A 18 -1.73 -4.25 8.26
N ILE A 19 -1.68 -3.10 8.94
CA ILE A 19 -1.75 -3.08 10.43
C ILE A 19 -3.04 -3.70 10.93
N TYR A 20 -4.13 -3.42 10.24
CA TYR A 20 -5.46 -3.97 10.64
C TYR A 20 -5.43 -5.49 10.63
N ARG A 21 -4.76 -6.06 9.63
CA ARG A 21 -4.66 -7.54 9.52
C ARG A 21 -3.96 -8.11 10.75
N LYS A 22 -2.92 -7.41 11.20
CA LYS A 22 -2.13 -7.85 12.38
C LYS A 22 -3.03 -7.94 13.62
N TYR A 23 -3.94 -6.98 13.76
CA TYR A 23 -4.87 -6.95 14.92
C TYR A 23 -5.72 -8.22 14.96
N ARG A 24 -6.16 -8.67 13.78
CA ARG A 24 -6.99 -9.89 13.68
C ARG A 24 -8.23 -9.75 14.57
N LYS A 25 -8.71 -10.88 15.08
CA LYS A 25 -9.92 -10.88 15.97
C LYS A 25 -9.52 -10.59 17.41
N ARG A 26 -8.25 -10.81 17.72
CA ARG A 26 -7.73 -10.58 19.10
C ARG A 26 -8.34 -9.32 19.69
N LYS A 27 -9.07 -9.48 20.80
CA LYS A 27 -9.71 -8.32 21.46
C LYS A 27 -10.38 -7.41 20.44
N SER A 28 -11.60 -7.76 20.05
CA SER A 28 -12.36 -6.95 19.05
C SER A 28 -13.07 -5.79 19.73
N ARG B 1 22.41 15.73 4.44
CA ARG B 1 21.55 15.41 5.61
C ARG B 1 20.11 15.20 5.15
N ASN B 2 19.93 15.06 3.84
CA ASN B 2 18.56 14.85 3.27
C ASN B 2 18.20 13.38 3.28
N ARG B 3 16.92 13.09 3.52
CA ARG B 3 16.43 11.68 3.55
C ARG B 3 15.06 11.57 2.90
N LEU B 4 14.64 12.64 2.23
CA LEU B 4 13.31 12.65 1.56
C LEU B 4 13.24 11.55 0.51
N TRP B 5 14.33 11.37 -0.23
CA TRP B 5 14.37 10.32 -1.29
C TRP B 5 14.13 8.94 -0.70
N LEU B 6 14.70 8.70 0.47
CA LEU B 6 14.54 7.39 1.17
C LEU B 6 13.06 7.12 1.47
N LEU B 7 12.36 8.18 1.87
CA LEU B 7 10.92 8.05 2.23
C LEU B 7 10.10 7.53 1.04
N THR B 8 10.43 8.01 -0.16
CA THR B 8 9.69 7.59 -1.40
C THR B 8 9.80 6.06 -1.62
N ILE B 9 10.94 5.51 -1.34
CA ILE B 9 11.15 4.03 -1.51
C ILE B 9 10.12 3.27 -0.64
N LEU B 10 9.81 3.76 0.55
CA LEU B 10 8.83 3.08 1.47
C LEU B 10 7.47 2.96 0.81
N VAL B 11 7.13 3.99 0.11
CA VAL B 11 5.82 4.12 -0.54
C VAL B 11 5.54 2.97 -1.56
N LEU B 12 6.56 2.56 -2.30
CA LEU B 12 6.48 1.41 -3.25
C LEU B 12 6.07 0.14 -2.51
N LEU B 13 6.58 -0.03 -1.29
CA LEU B 13 6.41 -1.27 -0.45
C LEU B 13 4.95 -1.74 -0.11
N ILE B 14 3.97 -0.89 0.20
CA ILE B 14 2.63 -1.43 0.62
C ILE B 14 1.93 -2.46 -0.34
N PRO B 15 2.27 -2.65 -1.61
CA PRO B 15 1.54 -3.65 -2.44
C PRO B 15 1.81 -5.06 -1.96
N LEU B 16 2.78 -5.18 -1.07
CA LEU B 16 3.17 -6.49 -0.51
C LEU B 16 1.98 -7.14 0.22
N VAL B 17 1.20 -6.35 0.94
CA VAL B 17 0.05 -6.93 1.70
C VAL B 17 -0.95 -7.61 0.76
N PHE B 18 -1.21 -7.01 -0.40
CA PHE B 18 -2.19 -7.63 -1.37
C PHE B 18 -1.75 -9.02 -1.82
N ILE B 19 -0.45 -9.19 -2.07
CA ILE B 19 0.08 -10.51 -2.52
C ILE B 19 -0.20 -11.59 -1.48
N TYR B 20 -0.05 -11.23 -0.21
CA TYR B 20 -0.24 -12.21 0.89
C TYR B 20 -1.66 -12.77 0.89
N ARG B 21 -2.65 -11.93 0.64
CA ARG B 21 -4.06 -12.42 0.61
C ARG B 21 -4.21 -13.50 -0.46
N LYS B 22 -3.58 -13.29 -1.61
CA LYS B 22 -3.64 -14.28 -2.72
C LYS B 22 -3.08 -15.62 -2.28
N TYR B 23 -2.00 -15.58 -1.51
CA TYR B 23 -1.33 -16.82 -1.04
C TYR B 23 -2.27 -17.68 -0.19
N ARG B 24 -3.07 -17.03 0.66
CA ARG B 24 -4.03 -17.76 1.54
C ARG B 24 -3.40 -19.08 2.03
N LYS B 25 -4.11 -20.18 1.83
CA LYS B 25 -3.62 -21.53 2.25
C LYS B 25 -2.72 -21.44 3.49
N ARG B 26 -1.42 -21.58 3.28
CA ARG B 26 -0.44 -21.53 4.40
C ARG B 26 -0.76 -22.58 5.46
N LYS B 27 0.30 -23.15 6.04
CA LYS B 27 0.13 -24.20 7.09
C LYS B 27 0.52 -23.64 8.46
N SER B 28 1.54 -22.79 8.48
CA SER B 28 2.00 -22.17 9.76
C SER B 28 2.18 -23.24 10.84
N ARG C 1 17.70 4.17 -21.30
CA ARG C 1 16.32 4.53 -20.86
C ARG C 1 16.27 4.58 -19.34
N ASN C 2 15.51 5.52 -18.80
CA ASN C 2 15.37 5.67 -17.33
C ASN C 2 14.28 4.72 -16.81
N ARG C 3 14.25 4.50 -15.50
CA ARG C 3 13.23 3.59 -14.90
C ARG C 3 12.98 3.91 -13.44
N LEU C 4 13.91 4.63 -12.81
CA LEU C 4 13.76 4.99 -11.37
C LEU C 4 12.49 5.81 -11.18
N TRP C 5 12.24 6.71 -12.11
CA TRP C 5 11.01 7.57 -12.07
C TRP C 5 9.79 6.69 -12.10
N LEU C 6 9.85 5.65 -12.92
CA LEU C 6 8.74 4.68 -13.08
C LEU C 6 8.40 4.03 -11.75
N LEU C 7 9.42 3.71 -10.97
CA LEU C 7 9.20 3.05 -9.66
C LEU C 7 8.33 3.92 -8.74
N THR C 8 8.57 5.22 -8.76
CA THR C 8 7.79 6.19 -7.93
C THR C 8 6.29 6.11 -8.31
N ILE C 9 5.98 5.94 -9.58
CA ILE C 9 4.56 5.86 -10.13
C ILE C 9 3.75 4.69 -9.48
N LEU C 10 4.40 3.56 -9.23
CA LEU C 10 3.78 2.31 -8.65
C LEU C 10 3.14 2.60 -7.31
N VAL C 11 3.79 3.43 -6.59
CA VAL C 11 3.47 3.74 -5.20
C VAL C 11 2.02 4.28 -5.02
N LEU C 12 1.53 5.09 -5.91
CA LEU C 12 0.16 5.68 -5.84
C LEU C 12 -0.87 4.55 -5.75
N LEU C 13 -0.61 3.47 -6.47
CA LEU C 13 -1.58 2.33 -6.61
C LEU C 13 -2.08 1.60 -5.31
N ILE C 14 -1.30 1.36 -4.24
CA ILE C 14 -1.83 0.54 -3.10
C ILE C 14 -3.15 0.99 -2.44
N PRO C 15 -3.65 2.20 -2.55
CA PRO C 15 -4.94 2.56 -1.88
C PRO C 15 -6.07 1.66 -2.36
N LEU C 16 -5.82 1.02 -3.50
CA LEU C 16 -6.81 0.09 -4.10
C LEU C 16 -7.14 -1.06 -3.15
N VAL C 17 -6.14 -1.58 -2.45
CA VAL C 17 -6.38 -2.73 -1.53
C VAL C 17 -7.39 -2.35 -0.45
N PHE C 18 -7.29 -1.14 0.08
CA PHE C 18 -8.24 -0.68 1.13
C PHE C 18 -9.67 -0.69 0.60
N ILE C 19 -9.83 -0.28 -0.65
CA ILE C 19 -11.18 -0.25 -1.30
C ILE C 19 -11.80 -1.64 -1.34
N TYR C 20 -10.98 -2.64 -1.62
CA TYR C 20 -11.47 -4.03 -1.69
C TYR C 20 -12.06 -4.46 -0.36
N ARG C 21 -11.42 -4.07 0.74
CA ARG C 21 -11.93 -4.43 2.09
C ARG C 21 -13.33 -3.88 2.29
N LYS C 22 -13.56 -2.66 1.81
CA LYS C 22 -14.90 -2.03 1.92
C LYS C 22 -15.95 -2.87 1.20
N TYR C 23 -15.57 -3.40 0.05
CA TYR C 23 -16.49 -4.25 -0.76
C TYR C 23 -16.95 -5.47 0.03
N ARG C 24 -15.99 -6.05 0.79
CA ARG C 24 -16.22 -7.27 1.63
C ARG C 24 -15.39 -8.44 1.11
N LYS C 25 -14.53 -8.98 1.97
CA LYS C 25 -13.66 -10.12 1.56
C LYS C 25 -14.46 -11.17 0.81
N ARG C 26 -15.68 -11.43 1.26
CA ARG C 26 -16.55 -12.44 0.59
C ARG C 26 -15.76 -13.73 0.35
N LYS C 27 -15.89 -14.30 -0.85
CA LYS C 27 -15.17 -15.56 -1.19
C LYS C 27 -14.09 -15.30 -2.24
N SER C 28 -13.07 -16.15 -2.25
CA SER C 28 -11.95 -16.00 -3.24
C SER C 28 -11.22 -17.32 -3.40
N ARG A 1 7.85 19.26 -8.27
CA ARG A 1 8.28 20.68 -8.44
C ARG A 1 7.08 21.59 -8.31
N ASN A 2 5.97 21.18 -8.92
CA ASN A 2 4.70 21.99 -8.88
C ASN A 2 3.58 21.20 -8.20
N ARG A 3 3.47 19.92 -8.54
CA ARG A 3 2.41 19.05 -7.95
C ARG A 3 2.89 17.60 -7.88
N LEU A 4 3.94 17.29 -8.63
CA LEU A 4 4.50 15.90 -8.63
C LEU A 4 4.95 15.51 -7.21
N TRP A 5 5.56 16.46 -6.52
CA TRP A 5 6.04 16.21 -5.13
C TRP A 5 4.89 15.82 -4.22
N LEU A 6 3.75 16.48 -4.40
CA LEU A 6 2.55 16.20 -3.57
C LEU A 6 2.12 14.73 -3.71
N LEU A 7 2.19 14.22 -4.94
CA LEU A 7 1.77 12.81 -5.19
C LEU A 7 2.62 11.83 -4.37
N THR A 8 3.90 12.14 -4.28
CA THR A 8 4.87 11.31 -3.49
C THR A 8 4.44 11.28 -2.01
N ILE A 9 3.95 12.37 -1.49
CA ILE A 9 3.52 12.46 -0.05
C ILE A 9 2.42 11.41 0.25
N LEU A 10 1.52 11.19 -0.71
CA LEU A 10 0.38 10.22 -0.61
C LEU A 10 0.88 8.79 -0.37
N VAL A 11 1.97 8.50 -0.99
CA VAL A 11 2.56 7.14 -1.03
C VAL A 11 2.88 6.53 0.34
N LEU A 12 3.35 7.33 1.27
CA LEU A 12 3.70 6.89 2.63
C LEU A 12 2.43 6.30 3.24
N LEU A 13 1.30 6.91 2.94
CA LEU A 13 -0.04 6.51 3.51
C LEU A 13 -0.53 5.03 3.28
N ILE A 14 -0.34 4.34 2.12
CA ILE A 14 -0.95 2.98 1.96
C ILE A 14 -0.56 1.89 2.99
N PRO A 15 0.51 1.99 3.78
CA PRO A 15 0.87 0.91 4.76
C PRO A 15 -0.15 0.80 5.88
N LEU A 16 -1.06 1.76 5.92
CA LEU A 16 -2.11 1.80 6.97
C LEU A 16 -2.97 0.54 6.91
N VAL A 17 -3.29 0.07 5.71
CA VAL A 17 -4.14 -1.15 5.58
C VAL A 17 -3.48 -2.34 6.27
N PHE A 18 -2.16 -2.48 6.12
CA PHE A 18 -1.42 -3.59 6.77
C PHE A 18 -1.60 -3.51 8.29
N ILE A 19 -1.54 -2.29 8.80
CA ILE A 19 -1.70 -2.05 10.27
C ILE A 19 -3.05 -2.56 10.74
N TYR A 20 -4.08 -2.34 9.94
CA TYR A 20 -5.46 -2.76 10.31
C TYR A 20 -5.52 -4.26 10.52
N ARG A 21 -4.83 -5.01 9.67
CA ARG A 21 -4.81 -6.50 9.80
C ARG A 21 -4.26 -6.91 11.16
N LYS A 22 -3.23 -6.20 11.60
CA LYS A 22 -2.59 -6.49 12.91
C LYS A 22 -3.59 -6.35 14.06
N TYR A 23 -4.44 -5.33 13.98
CA TYR A 23 -5.47 -5.10 15.04
C TYR A 23 -6.39 -6.32 15.14
N ARG A 24 -6.75 -6.89 14.00
CA ARG A 24 -7.65 -8.08 13.97
C ARG A 24 -6.84 -9.36 14.02
N LYS A 25 -7.46 -10.42 14.52
CA LYS A 25 -6.77 -11.74 14.62
C LYS A 25 -7.80 -12.87 14.79
N ARG A 26 -8.78 -12.63 15.65
CA ARG A 26 -9.84 -13.64 15.91
C ARG A 26 -11.14 -12.95 16.32
N LYS A 27 -12.27 -13.59 16.03
CA LYS A 27 -13.59 -13.01 16.37
C LYS A 27 -13.76 -11.63 15.75
N SER A 28 -13.58 -11.55 14.44
CA SER A 28 -13.69 -10.25 13.72
C SER A 28 -15.16 -9.98 13.37
N ARG B 1 19.80 16.79 5.88
CA ARG B 1 18.51 16.25 5.34
C ARG B 1 18.82 15.41 4.10
N ASN B 2 18.53 14.11 4.20
CA ASN B 2 18.78 13.18 3.06
C ASN B 2 18.15 11.82 3.33
N ARG B 3 16.86 11.82 3.64
CA ARG B 3 16.12 10.55 3.93
C ARG B 3 14.72 10.59 3.32
N LEU B 4 14.35 11.73 2.75
CA LEU B 4 13.02 11.88 2.12
C LEU B 4 12.87 10.86 0.98
N TRP B 5 13.95 10.67 0.24
CA TRP B 5 13.95 9.71 -0.90
C TRP B 5 13.65 8.29 -0.40
N LEU B 6 14.22 7.96 0.75
CA LEU B 6 14.01 6.61 1.35
C LEU B 6 12.54 6.36 1.63
N LEU B 7 11.85 7.38 2.11
CA LEU B 7 10.40 7.23 2.44
C LEU B 7 9.59 6.83 1.19
N THR B 8 9.94 7.42 0.06
CA THR B 8 9.29 7.14 -1.24
C THR B 8 9.49 5.64 -1.56
N ILE B 9 10.63 5.12 -1.23
CA ILE B 9 10.96 3.68 -1.48
C ILE B 9 9.94 2.71 -0.75
N LEU B 10 9.50 3.03 0.49
CA LEU B 10 8.61 2.10 1.32
C LEU B 10 7.27 1.73 0.68
N VAL B 11 6.72 2.71 0.08
CA VAL B 11 5.37 2.68 -0.54
C VAL B 11 5.19 1.62 -1.65
N LEU B 12 6.22 1.43 -2.47
CA LEU B 12 6.22 0.42 -3.55
C LEU B 12 5.99 -0.92 -2.87
N LEU B 13 6.56 -1.07 -1.69
CA LEU B 13 6.45 -2.31 -0.87
C LEU B 13 4.98 -2.67 -0.51
N ILE B 14 4.08 -1.71 -0.20
CA ILE B 14 2.71 -2.04 0.29
C ILE B 14 1.82 -3.03 -0.54
N PRO B 15 2.10 -3.44 -1.78
CA PRO B 15 1.20 -4.43 -2.46
C PRO B 15 1.42 -5.82 -1.89
N LEU B 16 2.46 -5.93 -1.08
CA LEU B 16 2.84 -7.22 -0.43
C LEU B 16 1.71 -7.72 0.46
N VAL B 17 1.03 -6.82 1.17
CA VAL B 17 -0.07 -7.26 2.07
C VAL B 17 -1.16 -7.98 1.29
N PHE B 18 -1.48 -7.47 0.10
CA PHE B 18 -2.51 -8.11 -0.75
C PHE B 18 -2.10 -9.54 -1.10
N ILE B 19 -0.82 -9.72 -1.38
CA ILE B 19 -0.28 -11.07 -1.72
C ILE B 19 -0.50 -12.04 -0.57
N TYR B 20 -0.31 -11.56 0.65
CA TYR B 20 -0.48 -12.43 1.85
C TYR B 20 -1.90 -12.98 1.93
N ARG B 21 -2.88 -12.15 1.60
CA ARG B 21 -4.30 -12.59 1.63
C ARG B 21 -4.51 -13.76 0.68
N LYS B 22 -3.89 -13.69 -0.48
CA LYS B 22 -4.01 -14.77 -1.51
C LYS B 22 -3.51 -16.09 -0.95
N TYR B 23 -2.42 -16.04 -0.20
CA TYR B 23 -1.82 -17.28 0.39
C TYR B 23 -2.83 -17.97 1.31
N ARG B 24 -3.57 -17.18 2.09
CA ARG B 24 -4.59 -17.75 3.02
C ARG B 24 -5.89 -18.05 2.28
N LYS B 25 -5.94 -19.22 1.65
CA LYS B 25 -7.16 -19.64 0.90
C LYS B 25 -7.41 -21.14 1.09
N ARG B 26 -6.56 -21.96 0.48
CA ARG B 26 -6.70 -23.43 0.59
C ARG B 26 -5.37 -24.12 0.30
N LYS B 27 -5.06 -25.15 1.09
CA LYS B 27 -3.79 -25.90 0.90
C LYS B 27 -3.89 -26.85 -0.28
N SER B 28 -3.33 -26.44 -1.41
CA SER B 28 -3.37 -27.28 -2.64
C SER B 28 -2.15 -26.99 -3.53
N ARG C 1 17.73 5.60 -19.40
CA ARG C 1 18.68 5.73 -18.25
C ARG C 1 17.96 6.38 -17.07
N ASN C 2 16.88 7.11 -17.36
CA ASN C 2 16.09 7.80 -16.30
C ASN C 2 14.67 7.22 -16.23
N ARG C 3 14.31 6.72 -15.06
CA ARG C 3 12.95 6.14 -14.87
C ARG C 3 12.63 6.01 -13.39
N LEU C 4 13.48 6.60 -12.54
CA LEU C 4 13.28 6.55 -11.07
C LEU C 4 11.95 7.19 -10.69
N TRP C 5 11.62 8.29 -11.35
CA TRP C 5 10.34 9.02 -11.06
C TRP C 5 9.14 8.09 -11.30
N LEU C 6 9.22 7.30 -12.36
CA LEU C 6 8.12 6.36 -12.71
C LEU C 6 7.88 5.37 -11.58
N LEU C 7 8.96 4.90 -10.95
CA LEU C 7 8.85 3.91 -9.83
C LEU C 7 8.03 4.50 -8.68
N THR C 8 8.24 5.78 -8.41
CA THR C 8 7.51 6.49 -7.34
C THR C 8 6.00 6.45 -7.62
N ILE C 9 5.63 6.57 -8.87
CA ILE C 9 4.17 6.56 -9.31
C ILE C 9 3.40 5.26 -8.91
N LEU C 10 4.05 4.09 -8.99
CA LEU C 10 3.39 2.74 -8.72
C LEU C 10 2.82 2.64 -7.30
N VAL C 11 3.56 3.20 -6.43
CA VAL C 11 3.31 3.15 -4.97
C VAL C 11 1.93 3.76 -4.57
N LEU C 12 1.53 4.84 -5.22
CA LEU C 12 0.26 5.54 -4.98
C LEU C 12 -0.86 4.53 -5.23
N LEU C 13 -0.67 3.69 -6.22
CA LEU C 13 -1.68 2.68 -6.67
C LEU C 13 -2.14 1.66 -5.58
N ILE C 14 -1.27 1.16 -4.69
CA ILE C 14 -1.68 0.11 -3.71
C ILE C 14 -3.05 0.30 -2.96
N PRO C 15 -3.64 1.48 -2.76
CA PRO C 15 -4.95 1.60 -2.02
C PRO C 15 -6.03 0.67 -2.56
N LEU C 16 -5.76 0.06 -3.70
CA LEU C 16 -6.78 -0.86 -4.32
C LEU C 16 -7.12 -2.00 -3.37
N VAL C 17 -6.11 -2.52 -2.67
CA VAL C 17 -6.36 -3.64 -1.72
C VAL C 17 -7.35 -3.21 -0.64
N PHE C 18 -7.22 -1.97 -0.17
CA PHE C 18 -8.15 -1.44 0.87
C PHE C 18 -9.58 -1.45 0.34
N ILE C 19 -9.72 -1.09 -0.93
CA ILE C 19 -11.06 -1.05 -1.59
C ILE C 19 -11.71 -2.44 -1.55
N TYR C 20 -10.89 -3.47 -1.78
CA TYR C 20 -11.41 -4.87 -1.81
C TYR C 20 -12.05 -5.21 -0.46
N ARG C 21 -11.43 -4.77 0.62
CA ARG C 21 -12.00 -5.05 1.98
C ARG C 21 -13.39 -4.43 2.07
N LYS C 22 -13.52 -3.25 1.52
CA LYS C 22 -14.82 -2.52 1.51
C LYS C 22 -15.89 -3.32 0.78
N TYR C 23 -15.48 -3.95 -0.32
CA TYR C 23 -16.42 -4.76 -1.15
C TYR C 23 -17.04 -5.89 -0.35
N ARG C 24 -16.25 -6.54 0.50
CA ARG C 24 -16.75 -7.66 1.33
C ARG C 24 -18.07 -7.31 1.99
N LYS C 25 -19.17 -7.54 1.25
CA LYS C 25 -20.56 -7.24 1.72
C LYS C 25 -20.60 -6.54 3.08
N ARG C 26 -20.00 -5.34 3.13
CA ARG C 26 -19.95 -4.54 4.38
C ARG C 26 -19.90 -5.42 5.63
N LYS C 27 -20.39 -4.89 6.75
CA LYS C 27 -20.41 -5.66 8.04
C LYS C 27 -21.83 -5.77 8.57
N SER C 28 -22.51 -4.64 8.68
CA SER C 28 -23.92 -4.61 9.19
C SER C 28 -24.71 -3.51 8.49
N ARG A 1 6.98 25.75 -3.49
CA ARG A 1 7.74 25.47 -4.74
C ARG A 1 7.94 23.97 -4.89
N ASN A 2 7.95 23.50 -6.13
CA ASN A 2 8.12 22.04 -6.40
C ASN A 2 7.33 21.20 -5.41
N ARG A 3 6.04 21.06 -5.65
CA ARG A 3 5.16 20.26 -4.75
C ARG A 3 5.10 18.80 -5.20
N LEU A 4 5.99 18.44 -6.13
CA LEU A 4 6.05 17.05 -6.66
C LEU A 4 6.34 16.07 -5.53
N TRP A 5 7.22 16.47 -4.62
CA TRP A 5 7.59 15.61 -3.46
C TRP A 5 6.37 15.29 -2.61
N LEU A 6 5.51 16.28 -2.44
CA LEU A 6 4.27 16.11 -1.61
C LEU A 6 3.40 15.00 -2.18
N LEU A 7 3.28 14.93 -3.50
CA LEU A 7 2.45 13.86 -4.14
C LEU A 7 2.98 12.48 -3.75
N THR A 8 4.30 12.37 -3.71
CA THR A 8 5.01 11.10 -3.35
C THR A 8 4.61 10.68 -1.93
N ILE A 9 4.47 11.63 -1.08
CA ILE A 9 4.14 11.37 0.35
C ILE A 9 2.83 10.56 0.42
N LEU A 10 1.84 10.84 -0.42
CA LEU A 10 0.57 10.03 -0.36
C LEU A 10 0.90 8.56 -0.58
N VAL A 11 1.80 8.34 -1.49
CA VAL A 11 2.22 6.98 -1.87
C VAL A 11 2.81 6.20 -0.65
N LEU A 12 3.58 6.87 0.19
CA LEU A 12 4.14 6.29 1.45
C LEU A 12 2.99 5.83 2.35
N LEU A 13 1.93 6.61 2.34
CA LEU A 13 0.71 6.46 3.22
C LEU A 13 -0.06 5.11 3.11
N ILE A 14 -0.22 4.50 1.95
CA ILE A 14 -1.05 3.27 1.86
C ILE A 14 -0.84 2.18 2.99
N PRO A 15 0.28 2.06 3.75
CA PRO A 15 0.38 1.02 4.85
C PRO A 15 -0.80 1.01 5.81
N LEU A 16 -1.67 2.00 5.72
CA LEU A 16 -2.81 2.06 6.67
C LEU A 16 -3.65 0.79 6.54
N VAL A 17 -3.85 0.31 5.33
CA VAL A 17 -4.66 -0.93 5.17
C VAL A 17 -3.99 -2.08 5.92
N PHE A 18 -2.65 -2.13 5.84
CA PHE A 18 -1.86 -3.16 6.56
C PHE A 18 -2.09 -3.04 8.07
N ILE A 19 -2.17 -1.80 8.54
CA ILE A 19 -2.35 -1.52 10.00
C ILE A 19 -3.65 -2.16 10.50
N TYR A 20 -4.71 -2.09 9.70
CA TYR A 20 -6.00 -2.67 10.15
C TYR A 20 -5.81 -4.16 10.41
N ARG A 21 -5.04 -4.81 9.55
CA ARG A 21 -4.74 -6.26 9.73
C ARG A 21 -4.03 -6.47 11.06
N LYS A 22 -3.12 -5.56 11.39
CA LYS A 22 -2.31 -5.61 12.65
C LYS A 22 -3.19 -5.60 13.90
N TYR A 23 -4.24 -4.79 13.89
CA TYR A 23 -5.12 -4.66 15.09
C TYR A 23 -5.75 -6.00 15.49
N ARG A 24 -6.17 -6.80 14.51
CA ARG A 24 -6.82 -8.14 14.79
C ARG A 24 -6.48 -8.67 16.18
N LYS A 25 -5.21 -8.54 16.58
CA LYS A 25 -4.77 -9.01 17.92
C LYS A 25 -5.38 -8.13 19.02
N ARG A 26 -4.94 -8.35 20.26
CA ARG A 26 -5.46 -7.56 21.42
C ARG A 26 -4.62 -7.83 22.66
N LYS A 27 -4.94 -7.12 23.74
CA LYS A 27 -4.19 -7.29 25.02
C LYS A 27 -5.09 -6.97 26.21
N SER A 28 -6.39 -7.00 25.99
CA SER A 28 -7.36 -6.70 27.08
C SER A 28 -8.75 -7.22 26.73
N ARG B 1 18.13 15.61 9.66
CA ARG B 1 17.81 14.24 9.15
C ARG B 1 17.85 14.25 7.62
N ASN B 2 18.72 13.43 7.05
CA ASN B 2 18.86 13.33 5.56
C ASN B 2 18.54 11.91 5.09
N ARG B 3 17.34 11.73 4.53
CA ARG B 3 16.92 10.39 4.03
C ARG B 3 15.59 10.51 3.26
N LEU B 4 15.35 11.68 2.68
CA LEU B 4 14.08 11.90 1.92
C LEU B 4 13.97 10.92 0.76
N TRP B 5 15.08 10.68 0.07
CA TRP B 5 15.08 9.71 -1.07
C TRP B 5 14.66 8.33 -0.59
N LEU B 6 15.14 7.96 0.58
CA LEU B 6 14.82 6.64 1.18
C LEU B 6 13.32 6.48 1.38
N LEU B 7 12.66 7.55 1.81
CA LEU B 7 11.19 7.49 2.07
C LEU B 7 10.42 7.10 0.80
N THR B 8 10.85 7.64 -0.33
CA THR B 8 10.20 7.34 -1.64
C THR B 8 10.27 5.83 -1.92
N ILE B 9 11.38 5.23 -1.56
CA ILE B 9 11.65 3.74 -1.74
C ILE B 9 10.57 2.88 -0.99
N LEU B 10 10.14 3.34 0.18
CA LEU B 10 9.15 2.64 1.07
C LEU B 10 7.85 2.39 0.35
N VAL B 11 7.49 3.34 -0.43
CA VAL B 11 6.20 3.41 -1.11
C VAL B 11 5.93 2.17 -2.03
N LEU B 12 6.91 1.68 -2.73
CA LEU B 12 6.79 0.49 -3.62
C LEU B 12 6.30 -0.68 -2.79
N LEU B 13 6.77 -0.75 -1.57
CA LEU B 13 6.48 -1.87 -0.64
C LEU B 13 4.97 -2.15 -0.35
N ILE B 14 4.05 -1.16 -0.20
CA ILE B 14 2.66 -1.49 0.22
C ILE B 14 1.89 -2.61 -0.55
N PRO B 15 2.24 -3.06 -1.75
CA PRO B 15 1.47 -4.16 -2.41
C PRO B 15 1.74 -5.50 -1.74
N LEU B 16 2.72 -5.49 -0.85
CA LEU B 16 3.12 -6.69 -0.10
C LEU B 16 1.95 -7.23 0.72
N VAL B 17 1.17 -6.35 1.32
CA VAL B 17 0.04 -6.82 2.17
C VAL B 17 -0.94 -7.69 1.38
N PHE B 18 -1.25 -7.33 0.14
CA PHE B 18 -2.18 -8.17 -0.66
C PHE B 18 -1.59 -9.58 -0.81
N ILE B 19 -0.28 -9.63 -1.05
CA ILE B 19 0.45 -10.91 -1.20
C ILE B 19 0.33 -11.75 0.07
N TYR B 20 0.41 -11.07 1.21
CA TYR B 20 0.35 -11.75 2.53
C TYR B 20 -0.96 -12.51 2.69
N ARG B 21 -2.06 -11.93 2.24
CA ARG B 21 -3.37 -12.64 2.38
C ARG B 21 -3.30 -13.97 1.63
N LYS B 22 -2.67 -13.95 0.46
CA LYS B 22 -2.50 -15.19 -0.34
C LYS B 22 -1.68 -16.21 0.45
N TYR B 23 -0.67 -15.70 1.14
CA TYR B 23 0.26 -16.54 1.95
C TYR B 23 -0.48 -17.32 3.04
N ARG B 24 -1.46 -16.68 3.68
CA ARG B 24 -2.22 -17.33 4.79
C ARG B 24 -1.26 -18.09 5.70
N LYS B 25 -1.78 -19.10 6.40
CA LYS B 25 -0.92 -19.91 7.31
C LYS B 25 -1.66 -21.14 7.83
N ARG B 26 -2.90 -20.94 8.30
CA ARG B 26 -3.71 -22.08 8.83
C ARG B 26 -4.67 -22.60 7.77
N LYS B 27 -5.09 -23.85 7.92
CA LYS B 27 -6.04 -24.47 6.95
C LYS B 27 -5.39 -24.62 5.58
N SER B 28 -5.17 -25.86 5.16
CA SER B 28 -4.53 -26.13 3.84
C SER B 28 -3.28 -25.28 3.65
N ARG C 1 17.71 0.73 -15.62
CA ARG C 1 17.13 1.60 -16.66
C ARG C 1 16.91 3.01 -16.09
N ASN C 2 15.64 3.40 -15.95
CA ASN C 2 15.29 4.75 -15.41
C ASN C 2 13.84 4.76 -14.94
N ARG C 3 13.10 5.78 -15.35
CA ARG C 3 11.65 5.89 -14.98
C ARG C 3 11.49 5.79 -13.46
N LEU C 4 12.43 6.36 -12.72
CA LEU C 4 12.37 6.31 -11.23
C LEU C 4 11.08 6.99 -10.73
N TRP C 5 10.71 8.10 -11.36
CA TRP C 5 9.48 8.83 -10.96
C TRP C 5 8.27 7.93 -11.11
N LEU C 6 8.27 7.15 -12.19
CA LEU C 6 7.15 6.20 -12.46
C LEU C 6 7.03 5.19 -11.33
N LEU C 7 8.16 4.74 -10.82
CA LEU C 7 8.16 3.71 -9.73
C LEU C 7 7.43 4.22 -8.49
N THR C 8 7.65 5.48 -8.16
CA THR C 8 7.00 6.15 -6.99
C THR C 8 5.47 6.08 -7.15
N ILE C 9 5.02 6.26 -8.37
CA ILE C 9 3.57 6.28 -8.76
C ILE C 9 2.78 4.97 -8.44
N LEU C 10 3.40 3.80 -8.59
CA LEU C 10 2.65 2.48 -8.46
C LEU C 10 1.99 2.25 -7.10
N VAL C 11 2.66 2.64 -6.09
CA VAL C 11 2.22 2.52 -4.67
C VAL C 11 0.89 3.26 -4.35
N LEU C 12 0.69 4.44 -4.93
CA LEU C 12 -0.49 5.28 -4.70
C LEU C 12 -1.66 4.39 -5.11
N LEU C 13 -1.42 3.61 -6.14
CA LEU C 13 -2.41 2.63 -6.65
C LEU C 13 -2.81 1.57 -5.58
N ILE C 14 -1.87 1.11 -4.72
CA ILE C 14 -2.12 0.00 -3.72
C ILE C 14 -3.42 0.09 -2.85
N PRO C 15 -4.09 1.23 -2.63
CA PRO C 15 -5.35 1.25 -1.80
C PRO C 15 -6.45 0.37 -2.40
N LEU C 16 -6.19 -0.08 -3.62
CA LEU C 16 -7.16 -0.94 -4.36
C LEU C 16 -7.44 -2.22 -3.58
N VAL C 17 -6.42 -2.80 -2.96
CA VAL C 17 -6.63 -4.07 -2.21
C VAL C 17 -7.68 -3.86 -1.12
N PHE C 18 -7.63 -2.72 -0.45
CA PHE C 18 -8.64 -2.42 0.61
C PHE C 18 -10.04 -2.40 -0.01
N ILE C 19 -10.13 -1.83 -1.21
CA ILE C 19 -11.42 -1.76 -1.96
C ILE C 19 -11.94 -3.15 -2.24
N TYR C 20 -11.04 -4.07 -2.55
CA TYR C 20 -11.41 -5.47 -2.88
C TYR C 20 -12.14 -6.12 -1.71
N ARG C 21 -11.70 -5.86 -0.49
CA ARG C 21 -12.38 -6.48 0.68
C ARG C 21 -13.85 -6.05 0.71
N LYS C 22 -14.11 -4.79 0.39
CA LYS C 22 -15.52 -4.30 0.32
C LYS C 22 -16.28 -5.10 -0.74
N TYR C 23 -15.59 -5.37 -1.84
CA TYR C 23 -16.17 -6.14 -2.98
C TYR C 23 -16.60 -7.54 -2.53
N ARG C 24 -15.79 -8.15 -1.68
CA ARG C 24 -16.07 -9.53 -1.18
C ARG C 24 -16.58 -10.42 -2.31
N LYS C 25 -17.27 -11.51 -1.94
CA LYS C 25 -17.81 -12.46 -2.95
C LYS C 25 -19.31 -12.29 -3.12
N ARG C 26 -19.82 -12.74 -4.27
CA ARG C 26 -21.28 -12.66 -4.56
C ARG C 26 -21.71 -13.83 -5.44
N LYS C 27 -22.39 -14.79 -4.82
CA LYS C 27 -22.85 -16.00 -5.58
C LYS C 27 -23.58 -15.58 -6.85
N SER C 28 -24.79 -15.06 -6.70
CA SER C 28 -25.59 -14.62 -7.88
C SER C 28 -26.84 -13.89 -7.44
N ARG A 1 2.58 23.59 -13.79
CA ARG A 1 2.22 22.79 -12.59
C ARG A 1 3.50 22.26 -11.94
N ASN A 2 3.49 22.17 -10.61
CA ASN A 2 4.67 21.67 -9.86
C ASN A 2 4.24 21.04 -8.54
N ARG A 3 3.36 20.04 -8.63
CA ARG A 3 2.86 19.34 -7.41
C ARG A 3 3.18 17.85 -7.48
N LEU A 4 4.14 17.49 -8.32
CA LEU A 4 4.53 16.06 -8.48
C LEU A 4 5.01 15.49 -7.15
N TRP A 5 5.77 16.29 -6.40
CA TRP A 5 6.29 15.85 -5.08
C TRP A 5 5.14 15.50 -4.14
N LEU A 6 4.09 16.31 -4.18
CA LEU A 6 2.90 16.08 -3.32
C LEU A 6 2.28 14.72 -3.62
N LEU A 7 2.25 14.35 -4.90
CA LEU A 7 1.68 13.05 -5.32
C LEU A 7 2.43 11.90 -4.68
N THR A 8 3.75 12.04 -4.60
CA THR A 8 4.63 11.00 -3.99
C THR A 8 4.25 10.78 -2.51
N ILE A 9 3.92 11.84 -1.85
CA ILE A 9 3.55 11.78 -0.41
C ILE A 9 2.34 10.83 -0.22
N LEU A 10 1.39 10.83 -1.14
CA LEU A 10 0.18 9.93 -1.04
C LEU A 10 0.63 8.48 -1.01
N VAL A 11 1.62 8.22 -1.80
CA VAL A 11 2.17 6.87 -2.01
C VAL A 11 2.70 6.26 -0.67
N LEU A 12 3.32 7.07 0.17
CA LEU A 12 3.80 6.66 1.51
C LEU A 12 2.62 6.15 2.36
N LEU A 13 1.46 6.78 2.22
CA LEU A 13 0.23 6.52 3.08
C LEU A 13 -0.37 5.08 3.12
N ILE A 14 -0.45 4.29 2.04
CA ILE A 14 -1.14 2.95 2.10
C ILE A 14 -0.60 1.93 3.17
N PRO A 15 0.56 2.06 3.81
CA PRO A 15 1.01 1.03 4.81
C PRO A 15 0.00 0.83 5.94
N LEU A 16 -0.99 1.71 5.98
CA LEU A 16 -2.05 1.62 7.02
C LEU A 16 -2.78 0.29 6.91
N VAL A 17 -3.04 -0.15 5.68
CA VAL A 17 -3.77 -1.44 5.48
C VAL A 17 -3.01 -2.60 6.10
N PHE A 18 -1.69 -2.59 5.97
CA PHE A 18 -0.86 -3.69 6.54
C PHE A 18 -1.05 -3.77 8.06
N ILE A 19 -1.12 -2.61 8.70
CA ILE A 19 -1.33 -2.55 10.17
C ILE A 19 -2.63 -3.23 10.56
N TYR A 20 -3.67 -3.01 9.77
CA TYR A 20 -5.00 -3.61 10.04
C TYR A 20 -4.91 -5.15 10.06
N ARG A 21 -4.13 -5.69 9.14
CA ARG A 21 -3.97 -7.17 9.06
C ARG A 21 -3.41 -7.74 10.36
N LYS A 22 -2.46 -7.03 10.95
CA LYS A 22 -1.85 -7.48 12.23
C LYS A 22 -2.91 -7.58 13.32
N TYR A 23 -3.83 -6.62 13.34
CA TYR A 23 -4.91 -6.61 14.36
C TYR A 23 -5.77 -7.87 14.27
N ARG A 24 -6.06 -8.31 13.04
CA ARG A 24 -6.88 -9.52 12.83
C ARG A 24 -8.18 -9.42 13.63
N LYS A 25 -9.01 -10.46 13.57
CA LYS A 25 -10.30 -10.46 14.30
C LYS A 25 -10.07 -10.65 15.79
N ARG A 26 -11.14 -10.99 16.51
CA ARG A 26 -11.05 -11.21 17.99
C ARG A 26 -11.16 -12.70 18.32
N LYS A 27 -11.72 -13.47 17.39
CA LYS A 27 -11.89 -14.93 17.59
C LYS A 27 -12.66 -15.21 18.88
N SER A 28 -13.86 -15.75 18.74
CA SER A 28 -14.71 -16.06 19.93
C SER A 28 -13.97 -17.00 20.88
N ARG B 1 21.82 16.31 -0.70
CA ARG B 1 21.34 14.91 -0.58
C ARG B 1 20.85 14.68 0.85
N ASN B 2 19.62 15.11 1.12
CA ASN B 2 19.04 14.94 2.49
C ASN B 2 18.48 13.53 2.67
N ARG B 3 17.27 13.43 3.20
CA ARG B 3 16.62 12.10 3.43
C ARG B 3 15.24 12.03 2.79
N LEU B 4 14.91 13.02 1.96
CA LEU B 4 13.59 13.03 1.27
C LEU B 4 13.45 11.80 0.40
N TRP B 5 14.55 11.44 -0.26
CA TRP B 5 14.56 10.24 -1.15
C TRP B 5 14.20 8.99 -0.37
N LEU B 6 14.70 8.89 0.86
CA LEU B 6 14.42 7.69 1.70
C LEU B 6 12.93 7.53 1.94
N LEU B 7 12.21 8.63 2.16
CA LEU B 7 10.74 8.55 2.39
C LEU B 7 10.04 7.93 1.18
N THR B 8 10.51 8.30 0.01
CA THR B 8 9.98 7.77 -1.28
C THR B 8 10.13 6.23 -1.33
N ILE B 9 11.24 5.73 -0.81
CA ILE B 9 11.57 4.24 -0.79
C ILE B 9 10.48 3.40 -0.05
N LEU B 10 9.93 3.93 1.03
CA LEU B 10 8.89 3.24 1.89
C LEU B 10 7.67 2.88 1.08
N VAL B 11 7.36 3.75 0.20
CA VAL B 11 6.15 3.68 -0.62
C VAL B 11 6.04 2.37 -1.44
N LEU B 12 7.12 1.89 -1.99
CA LEU B 12 7.15 0.67 -2.82
C LEU B 12 6.59 -0.51 -2.03
N LEU B 13 6.89 -0.55 -0.74
CA LEU B 13 6.53 -1.71 0.17
C LEU B 13 4.99 -2.10 0.31
N ILE B 14 3.96 -1.22 0.35
CA ILE B 14 2.54 -1.71 0.56
C ILE B 14 1.98 -2.75 -0.46
N PRO B 15 2.52 -2.95 -1.64
CA PRO B 15 1.93 -3.94 -2.60
C PRO B 15 2.00 -5.36 -2.05
N LEU B 16 2.77 -5.52 -0.98
CA LEU B 16 2.94 -6.86 -0.35
C LEU B 16 1.58 -7.40 0.12
N VAL B 17 0.75 -6.53 0.67
CA VAL B 17 -0.60 -6.95 1.15
C VAL B 17 -1.44 -7.53 0.00
N PHE B 18 -1.33 -6.90 -1.17
CA PHE B 18 -2.09 -7.34 -2.37
C PHE B 18 -1.73 -8.77 -2.76
N ILE B 19 -0.46 -9.12 -2.66
CA ILE B 19 -0.01 -10.49 -3.04
C ILE B 19 -0.73 -11.54 -2.19
N TYR B 20 -0.93 -11.27 -0.89
CA TYR B 20 -1.62 -12.27 -0.03
C TYR B 20 -3.01 -12.53 -0.57
N ARG B 21 -3.68 -11.48 -1.03
CA ARG B 21 -5.04 -11.64 -1.62
C ARG B 21 -4.94 -12.58 -2.83
N LYS B 22 -3.87 -12.39 -3.59
CA LYS B 22 -3.60 -13.21 -4.80
C LYS B 22 -3.49 -14.69 -4.44
N TYR B 23 -2.84 -14.97 -3.32
CA TYR B 23 -2.63 -16.37 -2.86
C TYR B 23 -3.98 -17.08 -2.65
N ARG B 24 -4.96 -16.36 -2.11
CA ARG B 24 -6.30 -16.95 -1.88
C ARG B 24 -6.70 -17.85 -3.05
N LYS B 25 -6.10 -17.60 -4.21
CA LYS B 25 -6.40 -18.41 -5.43
C LYS B 25 -7.88 -18.35 -5.78
N ARG B 26 -8.29 -19.17 -6.74
CA ARG B 26 -9.71 -19.21 -7.19
C ARG B 26 -10.10 -17.90 -7.87
N LYS B 27 -9.58 -17.70 -9.09
CA LYS B 27 -9.88 -16.47 -9.86
C LYS B 27 -9.79 -16.74 -11.35
N SER B 28 -10.33 -15.83 -12.16
CA SER B 28 -10.31 -16.00 -13.64
C SER B 28 -10.30 -14.63 -14.33
N ARG C 1 15.29 -1.45 -15.58
CA ARG C 1 13.91 -1.20 -16.10
C ARG C 1 13.10 -0.47 -15.05
N ASN C 2 12.00 0.15 -15.47
CA ASN C 2 11.12 0.90 -14.54
C ASN C 2 11.85 2.10 -13.96
N ARG C 3 11.50 3.29 -14.43
CA ARG C 3 12.13 4.54 -13.91
C ARG C 3 12.04 4.58 -12.40
N LEU C 4 13.03 5.18 -11.76
CA LEU C 4 13.00 5.29 -10.28
C LEU C 4 11.75 6.05 -9.94
N TRP C 5 11.49 7.06 -10.76
CA TRP C 5 10.25 7.85 -10.62
C TRP C 5 9.08 6.92 -10.81
N LEU C 6 9.22 5.99 -11.76
CA LEU C 6 8.14 4.99 -12.03
C LEU C 6 7.87 4.15 -10.79
N LEU C 7 8.94 3.80 -10.08
CA LEU C 7 8.83 2.93 -8.87
C LEU C 7 7.94 3.59 -7.80
N THR C 8 8.08 4.90 -7.65
CA THR C 8 7.28 5.68 -6.66
C THR C 8 5.80 5.52 -7.00
N ILE C 9 5.49 5.50 -8.28
CA ILE C 9 4.07 5.37 -8.81
C ILE C 9 3.30 4.08 -8.36
N LEU C 10 3.97 2.91 -8.28
CA LEU C 10 3.23 1.60 -8.02
C LEU C 10 2.44 1.57 -6.72
N VAL C 11 3.02 2.13 -5.75
CA VAL C 11 2.46 2.24 -4.39
C VAL C 11 1.10 3.02 -4.34
N LEU C 12 0.98 4.08 -5.14
CA LEU C 12 -0.20 4.95 -5.20
C LEU C 12 -1.36 4.03 -5.53
N LEU C 13 -1.07 3.07 -6.38
CA LEU C 13 -2.08 2.04 -6.78
C LEU C 13 -2.61 1.22 -5.56
N ILE C 14 -1.77 0.87 -4.55
CA ILE C 14 -2.18 -0.04 -3.42
C ILE C 14 -3.46 0.34 -2.58
N PRO C 15 -4.05 1.53 -2.62
CA PRO C 15 -5.29 1.80 -1.82
C PRO C 15 -6.46 0.94 -2.30
N LEU C 16 -6.27 0.29 -3.44
CA LEU C 16 -7.32 -0.59 -4.03
C LEU C 16 -7.66 -1.71 -3.05
N VAL C 17 -6.64 -2.26 -2.39
CA VAL C 17 -6.88 -3.37 -1.42
C VAL C 17 -7.81 -2.91 -0.30
N PHE C 18 -7.64 -1.67 0.15
CA PHE C 18 -8.50 -1.11 1.22
C PHE C 18 -9.96 -1.12 0.78
N ILE C 19 -10.19 -0.78 -0.48
CA ILE C 19 -11.58 -0.76 -1.03
C ILE C 19 -12.20 -2.15 -0.92
N TYR C 20 -11.39 -3.17 -1.19
CA TYR C 20 -11.86 -4.59 -1.12
C TYR C 20 -12.34 -4.92 0.29
N ARG C 21 -11.62 -4.40 1.28
CA ARG C 21 -11.99 -4.64 2.72
C ARG C 21 -13.38 -4.10 3.00
N LYS C 22 -13.69 -2.94 2.44
CA LYS C 22 -15.03 -2.32 2.66
C LYS C 22 -16.14 -3.25 2.17
N TYR C 23 -15.88 -3.90 1.04
CA TYR C 23 -16.89 -4.81 0.41
C TYR C 23 -17.28 -5.97 1.33
N ARG C 24 -16.30 -6.54 2.05
CA ARG C 24 -16.60 -7.69 2.96
C ARG C 24 -17.81 -7.40 3.85
N LYS C 25 -18.13 -8.36 4.72
CA LYS C 25 -19.28 -8.25 5.67
C LYS C 25 -20.50 -8.98 5.11
N ARG C 26 -20.51 -9.18 3.78
CA ARG C 26 -21.63 -9.90 3.11
C ARG C 26 -21.11 -10.70 1.93
N LYS C 27 -21.57 -11.95 1.82
CA LYS C 27 -21.14 -12.84 0.72
C LYS C 27 -19.68 -13.26 0.89
N SER C 28 -19.27 -13.44 2.14
CA SER C 28 -17.86 -13.84 2.43
C SER C 28 -17.78 -14.58 3.76
N ARG A 1 11.71 24.08 -7.30
CA ARG A 1 10.65 23.69 -6.34
C ARG A 1 9.32 23.59 -7.08
N ASN A 2 8.77 22.37 -7.14
CA ASN A 2 7.47 22.14 -7.84
C ASN A 2 6.41 21.60 -6.87
N ARG A 3 5.68 20.59 -7.31
CA ARG A 3 4.61 19.97 -6.46
C ARG A 3 4.62 18.45 -6.61
N LEU A 4 5.55 17.95 -7.43
CA LEU A 4 5.66 16.48 -7.67
C LEU A 4 5.94 15.73 -6.37
N TRP A 5 6.78 16.31 -5.52
CA TRP A 5 7.13 15.66 -4.23
C TRP A 5 5.88 15.43 -3.38
N LEU A 6 4.98 16.41 -3.38
CA LEU A 6 3.72 16.30 -2.57
C LEU A 6 2.91 15.07 -3.01
N LEU A 7 2.85 14.83 -4.31
CA LEU A 7 2.10 13.66 -4.85
C LEU A 7 2.67 12.34 -4.29
N THR A 8 3.98 12.30 -4.18
CA THR A 8 4.71 11.10 -3.67
C THR A 8 4.26 10.78 -2.24
N ILE A 9 4.03 11.78 -1.47
CA ILE A 9 3.63 11.58 -0.04
C ILE A 9 2.34 10.71 -0.02
N LEU A 10 1.40 10.89 -0.94
CA LEU A 10 0.17 10.04 -0.91
C LEU A 10 0.57 8.57 -1.01
N VAL A 11 1.55 8.34 -1.83
CA VAL A 11 2.04 6.97 -2.09
C VAL A 11 2.56 6.30 -0.78
N LEU A 12 3.24 7.05 0.08
CA LEU A 12 3.74 6.58 1.40
C LEU A 12 2.54 6.09 2.25
N LEU A 13 1.43 6.79 2.14
CA LEU A 13 0.19 6.55 2.96
C LEU A 13 -0.46 5.13 2.85
N ILE A 14 -0.52 4.45 1.70
CA ILE A 14 -1.24 3.14 1.59
C ILE A 14 -0.82 2.01 2.60
N PRO A 15 0.33 2.03 3.29
CA PRO A 15 0.70 0.92 4.23
C PRO A 15 -0.23 0.85 5.42
N LEU A 16 -1.08 1.84 5.57
CA LEU A 16 -2.00 1.86 6.73
C LEU A 16 -2.88 0.61 6.72
N VAL A 17 -3.36 0.22 5.54
CA VAL A 17 -4.20 -1.01 5.47
C VAL A 17 -3.41 -2.22 5.97
N PHE A 18 -2.14 -2.28 5.59
CA PHE A 18 -1.25 -3.40 6.03
C PHE A 18 -1.14 -3.45 7.54
N ILE A 19 -1.04 -2.27 8.16
CA ILE A 19 -0.90 -2.19 9.64
C ILE A 19 -2.09 -2.83 10.33
N TYR A 20 -3.30 -2.63 9.82
CA TYR A 20 -4.49 -3.25 10.47
C TYR A 20 -4.33 -4.76 10.50
N ARG A 21 -3.82 -5.31 9.40
CA ARG A 21 -3.58 -6.78 9.29
C ARG A 21 -2.59 -7.22 10.36
N LYS A 22 -1.58 -6.39 10.58
CA LYS A 22 -0.53 -6.67 11.60
C LYS A 22 -1.12 -6.81 12.99
N TYR A 23 -2.09 -5.96 13.30
CA TYR A 23 -2.74 -6.01 14.65
C TYR A 23 -3.38 -7.38 14.89
N ARG A 24 -4.01 -7.93 13.86
CA ARG A 24 -4.66 -9.28 13.99
C ARG A 24 -5.34 -9.40 15.35
N LYS A 25 -5.45 -10.63 15.86
CA LYS A 25 -6.07 -10.86 17.19
C LYS A 25 -4.98 -10.99 18.25
N ARG A 26 -5.18 -11.86 19.23
CA ARG A 26 -4.17 -12.06 20.31
C ARG A 26 -3.15 -13.11 19.88
N LYS A 27 -3.55 -13.99 18.97
CA LYS A 27 -2.64 -15.05 18.48
C LYS A 27 -1.54 -14.46 17.60
N SER A 28 -0.29 -14.80 17.91
CA SER A 28 0.87 -14.29 17.13
C SER A 28 0.94 -12.77 17.22
N ARG B 1 20.17 16.28 7.91
CA ARG B 1 18.78 16.36 7.36
C ARG B 1 18.80 15.97 5.89
N ASN B 2 18.89 14.67 5.63
CA ASN B 2 18.92 14.16 4.23
C ASN B 2 18.34 12.75 4.17
N ARG B 3 17.02 12.66 4.26
CA ARG B 3 16.33 11.33 4.22
C ARG B 3 15.05 11.40 3.41
N LEU B 4 14.87 12.48 2.66
CA LEU B 4 13.64 12.62 1.83
C LEU B 4 13.54 11.47 0.83
N TRP B 5 14.68 11.09 0.26
CA TRP B 5 14.73 9.97 -0.73
C TRP B 5 14.24 8.68 -0.06
N LEU B 6 14.65 8.49 1.18
CA LEU B 6 14.26 7.27 1.95
C LEU B 6 12.74 7.18 2.08
N LEU B 7 12.10 8.33 2.31
CA LEU B 7 10.62 8.33 2.49
C LEU B 7 9.93 7.80 1.23
N THR B 8 10.46 8.18 0.08
CA THR B 8 9.96 7.71 -1.24
C THR B 8 10.08 6.19 -1.32
N ILE B 9 11.16 5.65 -0.78
CA ILE B 9 11.49 4.17 -0.80
C ILE B 9 10.36 3.32 -0.11
N LEU B 10 9.80 3.84 0.97
CA LEU B 10 8.71 3.14 1.78
C LEU B 10 7.52 2.82 0.91
N VAL B 11 7.25 3.73 0.04
CA VAL B 11 6.05 3.70 -0.79
C VAL B 11 5.92 2.42 -1.67
N LEU B 12 6.98 1.92 -2.22
CA LEU B 12 6.96 0.72 -3.08
C LEU B 12 6.39 -0.46 -2.31
N LEU B 13 6.67 -0.55 -1.03
CA LEU B 13 6.31 -1.72 -0.19
C LEU B 13 4.77 -2.13 -0.10
N ILE B 14 3.77 -1.23 -0.04
CA ILE B 14 2.35 -1.68 0.16
C ILE B 14 1.81 -2.80 -0.79
N PRO B 15 2.35 -3.07 -1.97
CA PRO B 15 1.78 -4.16 -2.84
C PRO B 15 1.91 -5.52 -2.17
N LEU B 16 2.79 -5.58 -1.18
CA LEU B 16 3.06 -6.84 -0.45
C LEU B 16 1.80 -7.37 0.23
N VAL B 17 0.99 -6.50 0.80
CA VAL B 17 -0.23 -6.97 1.51
C VAL B 17 -1.16 -7.72 0.56
N PHE B 18 -1.31 -7.22 -0.67
CA PHE B 18 -2.23 -7.88 -1.64
C PHE B 18 -1.85 -9.32 -1.95
N ILE B 19 -0.56 -9.62 -2.09
CA ILE B 19 -0.15 -11.03 -2.38
C ILE B 19 -0.59 -11.97 -1.25
N TYR B 20 -0.44 -11.51 -0.01
CA TYR B 20 -0.84 -12.38 1.15
C TYR B 20 -2.31 -12.77 1.08
N ARG B 21 -3.17 -11.83 0.70
CA ARG B 21 -4.62 -12.13 0.62
C ARG B 21 -4.86 -13.26 -0.37
N LYS B 22 -4.14 -13.22 -1.48
CA LYS B 22 -4.25 -14.28 -2.53
C LYS B 22 -3.89 -15.65 -1.96
N TYR B 23 -2.86 -15.67 -1.11
CA TYR B 23 -2.38 -16.93 -0.50
C TYR B 23 -3.46 -17.61 0.33
N ARG B 24 -4.24 -16.81 1.06
CA ARG B 24 -5.32 -17.38 1.92
C ARG B 24 -6.22 -18.32 1.10
N LYS B 25 -5.85 -19.61 1.10
CA LYS B 25 -6.64 -20.63 0.35
C LYS B 25 -6.85 -21.87 1.21
N ARG B 26 -5.76 -22.45 1.68
CA ARG B 26 -5.83 -23.67 2.54
C ARG B 26 -4.45 -24.02 3.08
N LYS B 27 -4.42 -24.82 4.14
CA LYS B 27 -3.14 -25.24 4.78
C LYS B 27 -3.01 -26.76 4.79
N SER B 28 -4.04 -27.44 4.30
CA SER B 28 -4.04 -28.94 4.28
C SER B 28 -3.32 -29.44 3.02
N ARG C 1 18.62 7.61 -16.57
CA ARG C 1 18.53 7.32 -15.10
C ARG C 1 17.38 8.13 -14.50
N ASN C 2 16.16 7.76 -14.88
CA ASN C 2 14.94 8.46 -14.37
C ASN C 2 13.84 7.46 -14.07
N ARG C 3 14.22 6.18 -13.99
CA ARG C 3 13.26 5.09 -13.70
C ARG C 3 12.85 5.11 -12.23
N LEU C 4 13.60 5.84 -11.43
CA LEU C 4 13.30 5.93 -9.97
C LEU C 4 11.89 6.51 -9.76
N TRP C 5 11.55 7.51 -10.56
CA TRP C 5 10.21 8.15 -10.45
C TRP C 5 9.10 7.12 -10.70
N LEU C 6 9.31 6.22 -11.65
CA LEU C 6 8.30 5.19 -11.96
C LEU C 6 8.02 4.31 -10.75
N LEU C 7 9.07 3.97 -10.01
CA LEU C 7 8.89 3.11 -8.81
C LEU C 7 7.96 3.76 -7.78
N THR C 8 8.10 5.07 -7.61
CA THR C 8 7.28 5.85 -6.65
C THR C 8 5.79 5.72 -7.00
N ILE C 9 5.50 5.72 -8.28
CA ILE C 9 4.11 5.64 -8.85
C ILE C 9 3.31 4.35 -8.47
N LEU C 10 3.95 3.17 -8.40
CA LEU C 10 3.19 1.85 -8.21
C LEU C 10 2.36 1.78 -6.93
N VAL C 11 2.91 2.29 -5.91
CA VAL C 11 2.32 2.33 -4.56
C VAL C 11 0.96 3.07 -4.46
N LEU C 12 0.80 4.18 -5.18
CA LEU C 12 -0.42 4.98 -5.15
C LEU C 12 -1.53 4.05 -5.57
N LEU C 13 -1.25 3.17 -6.50
CA LEU C 13 -2.23 2.16 -6.99
C LEU C 13 -2.76 1.20 -5.85
N ILE C 14 -1.92 0.76 -4.89
CA ILE C 14 -2.34 -0.26 -3.83
C ILE C 14 -3.59 0.05 -2.93
N PRO C 15 -4.16 1.24 -2.83
CA PRO C 15 -5.35 1.46 -1.95
C PRO C 15 -6.53 0.61 -2.39
N LEU C 16 -6.40 0.03 -3.57
CA LEU C 16 -7.48 -0.83 -4.13
C LEU C 16 -7.75 -2.00 -3.18
N VAL C 17 -6.70 -2.56 -2.61
CA VAL C 17 -6.87 -3.68 -1.66
C VAL C 17 -7.74 -3.22 -0.48
N PHE C 18 -7.51 -1.99 -0.04
CA PHE C 18 -8.28 -1.39 1.08
C PHE C 18 -9.77 -1.35 0.72
N ILE C 19 -10.05 -1.00 -0.53
CA ILE C 19 -11.47 -0.93 -1.01
C ILE C 19 -12.14 -2.29 -0.87
N TYR C 20 -11.41 -3.36 -1.17
CA TYR C 20 -11.99 -4.74 -1.07
C TYR C 20 -12.43 -5.01 0.37
N ARG C 21 -11.62 -4.57 1.32
CA ARG C 21 -11.93 -4.75 2.76
C ARG C 21 -13.26 -4.05 3.09
N LYS C 22 -13.43 -2.87 2.51
CA LYS C 22 -14.66 -2.05 2.75
C LYS C 22 -15.91 -2.82 2.31
N TYR C 23 -15.80 -3.54 1.19
CA TYR C 23 -16.96 -4.33 0.67
C TYR C 23 -17.38 -5.36 1.70
N ARG C 24 -16.41 -5.99 2.36
CA ARG C 24 -16.72 -7.04 3.38
C ARG C 24 -17.69 -6.47 4.42
N LYS C 25 -17.79 -5.15 4.48
CA LYS C 25 -18.70 -4.49 5.46
C LYS C 25 -20.09 -5.14 5.42
N ARG C 26 -20.43 -5.85 6.48
CA ARG C 26 -21.76 -6.53 6.54
C ARG C 26 -22.08 -6.96 7.97
N LYS C 27 -21.07 -6.95 8.83
CA LYS C 27 -21.26 -7.36 10.25
C LYS C 27 -21.68 -6.16 11.10
N SER C 28 -22.85 -6.27 11.72
CA SER C 28 -23.37 -5.17 12.59
C SER C 28 -23.13 -3.82 11.93
#